data_5KBZ
#
_entry.id   5KBZ
#
_cell.length_a   89.374
_cell.length_b   90.530
_cell.length_c   90.836
_cell.angle_alpha   90.00
_cell.angle_beta   90.00
_cell.angle_gamma   90.00
#
_symmetry.space_group_name_H-M   'P 21 21 21'
#
loop_
_entity.id
_entity.type
_entity.pdbx_description
1 polymer 'Noranthrone synthase'
2 non-polymer '(14R)-14-hydroxy-15,15-dimethyl-1-[5-({[(5-methyl-1,2-oxazol-3-yl)methyl]sulfanyl}methyl)-1,2-oxazol-3-yl]-4,9,13-trioxo-2-thia-5,8,12-triazahexadecan-16-yl dihydrogen phosphate'
3 water water
#
_entity_poly.entity_id   1
_entity_poly.type   'polypeptide(L)'
_entity_poly.pdbx_seq_one_letter_code
;MGSSHHHHHHSSGLVPRGSHMEIKTTTTLHRVVEETTKPLGATLVVETDISRKDVNGLARGHLVDGIPLCTPSFYADIAM
QVGQYSMQRLRAGHPGAGAIDGLVDVSDMVVDKALVPHGKGPQLLRTTLTMEWPPKAAATTRSAKVKFATYFADGKLDTE
HASCTVRFTSDAQLKSLRRSVSEYKTHIRQLHDGHAKGQFMRYNRKTGYKLMSSMARFNPDYMLLDYLVLNEAENEAASG
VDFSLGSSEGTFAAHPAHVDAITQVAGFAMNANDNVDIEKQVYVNHGWDSFQIYQPLDNSKSYQVYTKMGQAKENDLVHG
DVVVLDGEQIVAFFRGLTLRSVPRGALRVVLQTTVKKADRQLGFKTMPSPPPPTTTM
;
_entity_poly.pdbx_strand_id   A,B
#
loop_
_chem_comp.id
_chem_comp.type
_chem_comp.name
_chem_comp.formula
3B2 non-polymer '(14R)-14-hydroxy-15,15-dimethyl-1-[5-({[(5-methyl-1,2-oxazol-3-yl)methyl]sulfanyl}methyl)-1,2-oxazol-3-yl]-4,9,13-trioxo-2-thia-5,8,12-triazahexadecan-16-yl dihydrogen phosphate' 'C23 H36 N5 O10 P S2'
#
# COMPACT_ATOMS: atom_id res chain seq x y z
N GLU A 22 -22.57 39.98 -13.64
CA GLU A 22 -21.37 40.03 -12.81
C GLU A 22 -21.09 38.68 -12.16
N ILE A 23 -19.96 38.08 -12.53
CA ILE A 23 -19.61 36.77 -12.02
C ILE A 23 -19.24 36.87 -10.55
N LYS A 24 -19.68 35.89 -9.79
CA LYS A 24 -19.41 35.84 -8.37
C LYS A 24 -18.06 35.21 -8.08
N THR A 25 -17.29 35.80 -7.19
CA THR A 25 -16.01 35.22 -6.80
C THR A 25 -16.23 34.20 -5.71
N THR A 26 -15.33 33.21 -5.64
CA THR A 26 -15.50 32.06 -4.76
C THR A 26 -14.13 31.69 -4.20
N THR A 27 -14.09 30.57 -3.46
CA THR A 27 -12.82 30.03 -2.99
C THR A 27 -11.86 29.76 -4.15
N THR A 28 -12.39 29.32 -5.29
CA THR A 28 -11.56 28.88 -6.40
C THR A 28 -11.55 29.83 -7.59
N LEU A 29 -12.22 30.99 -7.50
CA LEU A 29 -12.21 32.00 -8.56
C LEU A 29 -12.13 33.35 -7.86
N HIS A 30 -11.01 34.07 -8.05
CA HIS A 30 -10.70 35.21 -7.20
C HIS A 30 -10.95 36.56 -7.86
N ARG A 31 -10.66 36.72 -9.15
CA ARG A 31 -10.97 38.01 -9.76
C ARG A 31 -11.07 37.88 -11.27
N VAL A 32 -11.71 38.87 -11.88
CA VAL A 32 -11.79 38.99 -13.33
C VAL A 32 -10.58 39.77 -13.81
N VAL A 33 -9.84 39.20 -14.75
CA VAL A 33 -8.65 39.87 -15.30
C VAL A 33 -9.02 40.72 -16.51
N GLU A 34 -9.95 40.23 -17.30
CA GLU A 34 -10.28 40.85 -18.58
C GLU A 34 -11.60 40.26 -19.03
N GLU A 35 -12.49 41.08 -19.57
CA GLU A 35 -13.75 40.58 -20.07
C GLU A 35 -14.17 41.36 -21.29
N THR A 36 -14.36 40.71 -22.43
CA THR A 36 -14.51 41.44 -23.71
C THR A 36 -15.56 40.74 -24.59
N THR A 37 -16.62 41.49 -24.90
CA THR A 37 -17.77 41.04 -25.68
C THR A 37 -17.78 41.74 -27.02
N LYS A 38 -17.76 40.97 -28.10
CA LYS A 38 -17.69 41.49 -29.47
C LYS A 38 -18.59 40.86 -30.54
N PRO A 39 -18.53 41.38 -31.74
CA PRO A 39 -19.36 40.94 -32.85
C PRO A 39 -19.30 39.46 -33.18
N LEU A 40 -18.16 38.83 -33.27
CA LEU A 40 -18.11 37.43 -33.56
C LEU A 40 -17.61 36.59 -32.39
N GLY A 41 -17.55 37.15 -31.20
CA GLY A 41 -17.11 36.34 -30.07
C GLY A 41 -16.91 37.16 -28.82
N ALA A 42 -16.37 36.49 -27.81
CA ALA A 42 -16.12 37.10 -26.50
C ALA A 42 -15.06 36.32 -25.76
N THR A 43 -14.35 37.01 -24.85
CA THR A 43 -13.31 36.43 -24.02
C THR A 43 -13.58 36.80 -22.57
N LEU A 44 -13.34 35.84 -21.67
CA LEU A 44 -13.40 36.08 -20.23
C LEU A 44 -12.17 35.44 -19.61
N VAL A 45 -11.38 36.24 -18.89
CA VAL A 45 -10.17 35.78 -18.23
C VAL A 45 -10.36 36.02 -16.75
N VAL A 46 -10.30 34.95 -15.96
CA VAL A 46 -10.37 35.05 -14.51
C VAL A 46 -9.07 34.51 -13.93
N GLU A 47 -8.85 34.78 -12.65
CA GLU A 47 -7.58 34.49 -12.00
C GLU A 47 -7.85 33.91 -10.61
N THR A 48 -7.05 32.92 -10.24
CA THR A 48 -7.09 32.32 -8.91
C THR A 48 -5.67 32.24 -8.39
N ASP A 49 -5.40 32.92 -7.27
CA ASP A 49 -4.12 32.76 -6.60
C ASP A 49 -4.20 31.52 -5.71
N ILE A 50 -3.64 30.41 -6.18
CA ILE A 50 -3.76 29.17 -5.42
C ILE A 50 -2.89 29.18 -4.18
N SER A 51 -2.10 30.25 -3.96
CA SER A 51 -1.43 30.44 -2.68
C SER A 51 -2.28 31.16 -1.65
N ARG A 52 -3.45 31.66 -2.02
CA ARG A 52 -4.28 32.34 -1.04
C ARG A 52 -4.71 31.35 0.04
N LYS A 53 -4.66 31.82 1.27
CA LYS A 53 -4.86 31.01 2.42
C LYS A 53 -6.11 30.16 2.52
N ASP A 54 -7.19 30.59 1.91
CA ASP A 54 -8.41 29.80 1.96
C ASP A 54 -8.43 28.69 0.93
N VAL A 55 -7.54 28.72 -0.05
CA VAL A 55 -7.59 27.72 -1.12
C VAL A 55 -6.32 26.88 -1.24
N ASN A 56 -5.20 27.30 -0.64
CA ASN A 56 -3.95 26.58 -0.90
C ASN A 56 -4.00 25.14 -0.37
N GLY A 57 -4.59 24.95 0.81
CA GLY A 57 -4.74 23.59 1.30
C GLY A 57 -5.53 22.73 0.34
N LEU A 58 -6.64 23.27 -0.15
CA LEU A 58 -7.53 22.55 -1.06
C LEU A 58 -6.85 22.27 -2.40
N ALA A 59 -6.01 23.19 -2.85
CA ALA A 59 -5.32 23.01 -4.13
C ALA A 59 -4.33 21.85 -4.10
N ARG A 60 -3.89 21.44 -2.91
CA ARG A 60 -2.96 20.31 -2.76
C ARG A 60 -3.79 19.05 -2.53
N GLY A 61 -4.25 18.44 -3.62
CA GLY A 61 -5.14 17.29 -3.51
C GLY A 61 -4.46 15.97 -3.19
N HIS A 62 -3.35 15.72 -3.83
CA HIS A 62 -2.58 14.51 -3.65
C HIS A 62 -1.10 14.86 -3.53
N LEU A 63 -0.35 13.97 -2.93
CA LEU A 63 1.08 14.09 -2.83
C LEU A 63 1.71 12.84 -3.49
N VAL A 64 2.51 13.07 -4.52
CA VAL A 64 3.19 11.95 -5.19
C VAL A 64 4.68 12.19 -5.04
N ASP A 65 5.38 11.22 -4.43
CA ASP A 65 6.80 11.36 -4.12
C ASP A 65 7.09 12.70 -3.42
N GLY A 66 6.24 13.01 -2.44
CA GLY A 66 6.39 14.23 -1.66
C GLY A 66 6.03 15.52 -2.36
N ILE A 67 5.54 15.47 -3.60
CA ILE A 67 5.27 16.66 -4.39
C ILE A 67 3.76 16.86 -4.47
N PRO A 68 3.22 17.99 -4.03
CA PRO A 68 1.77 18.20 -4.10
C PRO A 68 1.32 18.46 -5.52
N LEU A 69 0.09 18.01 -5.83
CA LEU A 69 -0.49 18.16 -7.15
C LEU A 69 -1.92 18.66 -7.05
N CYS A 70 -2.25 19.60 -7.93
CA CYS A 70 -3.63 20.02 -8.16
C CYS A 70 -4.39 18.95 -8.94
N THR A 71 -5.64 18.71 -8.55
CA THR A 71 -6.43 17.68 -9.24
C THR A 71 -7.22 18.28 -10.41
N PRO A 72 -7.55 17.45 -11.41
CA PRO A 72 -8.40 17.94 -12.52
C PRO A 72 -9.73 18.51 -12.05
N SER A 73 -10.29 18.00 -10.96
CA SER A 73 -11.52 18.55 -10.42
C SER A 73 -11.36 20.01 -9.99
N PHE A 74 -10.14 20.45 -9.72
CA PHE A 74 -9.94 21.87 -9.43
C PHE A 74 -10.29 22.72 -10.64
N TYR A 75 -9.76 22.34 -11.81
CA TYR A 75 -10.15 22.99 -13.06
C TYR A 75 -11.63 22.83 -13.34
N ALA A 76 -12.19 21.66 -13.07
CA ALA A 76 -13.60 21.42 -13.38
C ALA A 76 -14.49 22.38 -12.61
N ASP A 77 -14.16 22.62 -11.34
CA ASP A 77 -14.93 23.57 -10.54
C ASP A 77 -14.95 24.94 -11.20
N ILE A 78 -13.78 25.44 -11.58
CA ILE A 78 -13.69 26.76 -12.21
C ILE A 78 -14.42 26.77 -13.53
N ALA A 79 -14.28 25.68 -14.31
CA ALA A 79 -14.98 25.58 -15.59
C ALA A 79 -16.49 25.67 -15.41
N MET A 80 -17.00 25.06 -14.38
CA MET A 80 -18.42 25.14 -14.13
C MET A 80 -18.82 26.56 -13.80
N GLN A 81 -18.01 27.25 -13.02
CA GLN A 81 -18.32 28.62 -12.65
C GLN A 81 -18.30 29.56 -13.85
N VAL A 82 -17.27 29.48 -14.70
CA VAL A 82 -17.23 30.43 -15.81
C VAL A 82 -18.25 30.02 -16.87
N GLY A 83 -18.54 28.72 -16.99
CA GLY A 83 -19.58 28.27 -17.89
C GLY A 83 -20.96 28.68 -17.44
N GLN A 84 -21.28 28.46 -16.15
CA GLN A 84 -22.58 28.87 -15.63
C GLN A 84 -22.77 30.38 -15.79
N TYR A 85 -21.72 31.15 -15.53
CA TYR A 85 -21.82 32.60 -15.70
C TYR A 85 -22.04 32.97 -17.16
N SER A 86 -21.22 32.42 -18.06
CA SER A 86 -21.36 32.73 -19.47
C SER A 86 -22.75 32.36 -19.98
N MET A 87 -23.30 31.25 -19.55
CA MET A 87 -24.62 30.86 -19.98
C MET A 87 -25.67 31.84 -19.50
N GLN A 88 -25.66 32.16 -18.24
CA GLN A 88 -26.63 33.07 -17.71
C GLN A 88 -26.55 34.45 -18.31
N ARG A 89 -25.37 34.92 -18.65
CA ARG A 89 -25.20 36.21 -19.31
C ARG A 89 -25.78 36.20 -20.72
N LEU A 90 -25.99 35.01 -21.30
CA LEU A 90 -26.69 34.90 -22.57
C LEU A 90 -28.14 34.49 -22.31
N GLY A 102 -30.92 23.82 -17.33
CA GLY A 102 -29.79 24.54 -17.92
C GLY A 102 -28.44 24.00 -17.44
N LEU A 103 -28.04 22.86 -17.98
CA LEU A 103 -26.87 22.14 -17.50
C LEU A 103 -25.60 22.61 -18.18
N VAL A 104 -24.52 22.72 -17.40
CA VAL A 104 -23.18 22.90 -17.96
C VAL A 104 -22.49 21.55 -17.91
N ASP A 105 -22.00 21.10 -19.05
CA ASP A 105 -21.18 19.89 -19.13
C ASP A 105 -19.73 20.35 -19.26
N VAL A 106 -18.85 19.83 -18.40
CA VAL A 106 -17.43 20.12 -18.51
C VAL A 106 -16.95 18.96 -19.40
N SER A 107 -16.76 19.24 -20.68
CA SER A 107 -16.50 18.19 -21.65
C SER A 107 -15.09 18.32 -22.20
N ASP A 108 -14.59 17.24 -22.82
CA ASP A 108 -13.29 17.25 -23.50
C ASP A 108 -12.18 17.77 -22.58
N MET A 109 -12.17 17.30 -21.34
CA MET A 109 -11.17 17.74 -20.36
C MET A 109 -9.86 17.04 -20.67
N VAL A 110 -8.80 17.81 -20.88
CA VAL A 110 -7.49 17.28 -21.21
C VAL A 110 -6.50 17.88 -20.23
N VAL A 111 -5.86 17.03 -19.42
CA VAL A 111 -4.87 17.48 -18.46
C VAL A 111 -3.49 17.15 -19.03
N ASP A 112 -2.72 18.18 -19.38
CA ASP A 112 -1.46 17.95 -20.09
C ASP A 112 -0.23 18.04 -19.19
N LYS A 113 -0.23 18.94 -18.21
CA LYS A 113 0.96 19.15 -17.39
C LYS A 113 0.57 19.41 -15.94
N ALA A 114 1.32 18.80 -15.03
CA ALA A 114 1.08 18.92 -13.60
C ALA A 114 1.12 20.36 -13.14
N LEU A 115 0.29 20.66 -12.14
CA LEU A 115 0.32 21.93 -11.43
C LEU A 115 0.70 21.63 -9.99
N VAL A 116 1.84 22.14 -9.55
CA VAL A 116 2.40 21.89 -8.24
C VAL A 116 2.19 23.16 -7.40
N PRO A 117 1.24 23.17 -6.46
CA PRO A 117 1.02 24.40 -5.66
C PRO A 117 2.10 24.55 -4.61
N HIS A 118 3.09 25.40 -4.90
CA HIS A 118 4.26 25.50 -4.06
C HIS A 118 4.03 26.29 -2.78
N GLY A 119 3.03 27.17 -2.73
CA GLY A 119 2.74 27.92 -1.53
C GLY A 119 3.85 28.85 -1.08
N LYS A 120 4.63 29.39 -2.03
CA LYS A 120 5.75 30.30 -1.72
C LYS A 120 5.54 31.59 -2.52
N GLY A 121 4.55 32.37 -2.11
CA GLY A 121 4.23 33.60 -2.80
C GLY A 121 3.16 33.35 -3.86
N PRO A 122 2.71 34.41 -4.52
CA PRO A 122 1.62 34.29 -5.49
C PRO A 122 1.89 33.22 -6.54
N GLN A 123 0.84 32.46 -6.86
CA GLN A 123 0.89 31.46 -7.93
C GLN A 123 -0.43 31.59 -8.67
N LEU A 124 -0.41 32.31 -9.77
CA LEU A 124 -1.64 32.80 -10.40
C LEU A 124 -2.08 31.82 -11.48
N LEU A 125 -3.23 31.17 -11.24
CA LEU A 125 -3.86 30.30 -12.22
C LEU A 125 -4.88 31.12 -12.99
N ARG A 126 -4.69 31.25 -14.31
CA ARG A 126 -5.62 32.02 -15.09
C ARG A 126 -6.45 31.10 -15.97
N THR A 127 -7.75 31.36 -15.97
CA THR A 127 -8.71 30.56 -16.72
C THR A 127 -9.28 31.47 -17.80
N THR A 128 -9.09 31.09 -19.05
CA THR A 128 -9.52 31.87 -20.21
C THR A 128 -10.65 31.13 -20.90
N LEU A 129 -11.81 31.76 -20.97
CA LEU A 129 -12.96 31.23 -21.69
C LEU A 129 -13.17 32.06 -22.95
N THR A 130 -13.36 31.38 -24.08
CA THR A 130 -13.58 32.08 -25.33
C THR A 130 -14.81 31.49 -26.03
N MET A 131 -15.60 32.36 -26.66
CA MET A 131 -16.73 31.94 -27.45
C MET A 131 -16.65 32.58 -28.83
N GLU A 132 -17.28 31.93 -29.79
CA GLU A 132 -17.39 32.42 -31.16
C GLU A 132 -18.83 32.26 -31.63
N TRP A 133 -19.28 33.19 -32.48
CA TRP A 133 -20.62 33.11 -33.05
C TRP A 133 -20.78 34.08 -34.23
N PRO A 134 -21.67 33.73 -35.13
CA PRO A 134 -21.95 34.56 -36.30
C PRO A 134 -22.84 35.71 -35.92
N PRO A 135 -22.91 36.79 -36.82
CA PRO A 135 -23.67 37.94 -36.34
C PRO A 135 -25.01 37.58 -35.81
N LYS A 136 -25.51 38.37 -34.87
CA LYS A 136 -26.78 38.18 -34.20
C LYS A 136 -27.18 36.79 -33.82
N ALA A 137 -26.21 36.03 -33.38
CA ALA A 137 -26.47 34.70 -33.00
C ALA A 137 -25.77 34.31 -31.70
N ALA A 138 -25.36 35.32 -30.95
CA ALA A 138 -24.66 35.15 -29.68
C ALA A 138 -25.49 34.34 -28.71
N ALA A 139 -26.80 34.61 -28.66
CA ALA A 139 -27.68 33.92 -27.72
C ALA A 139 -27.82 32.43 -28.02
N THR A 140 -27.52 31.99 -29.25
CA THR A 140 -27.65 30.58 -29.58
C THR A 140 -26.49 29.73 -29.07
N THR A 141 -25.39 30.37 -28.67
CA THR A 141 -24.12 29.67 -28.43
C THR A 141 -24.27 28.59 -27.36
N ARG A 142 -23.80 27.38 -27.70
CA ARG A 142 -23.95 26.23 -26.80
C ARG A 142 -22.62 25.64 -26.34
N SER A 143 -21.49 26.28 -26.62
CA SER A 143 -20.23 25.80 -26.07
C SER A 143 -19.22 26.94 -25.97
N ALA A 144 -18.17 26.69 -25.19
CA ALA A 144 -17.08 27.64 -25.04
C ALA A 144 -15.80 26.88 -24.75
N LYS A 145 -14.68 27.39 -25.27
CA LYS A 145 -13.37 26.80 -25.02
C LYS A 145 -12.72 27.42 -23.78
N VAL A 146 -12.18 26.57 -22.91
CA VAL A 146 -11.60 27.02 -21.65
C VAL A 146 -10.16 26.51 -21.58
N LYS A 147 -9.24 27.38 -21.16
CA LYS A 147 -7.84 27.01 -21.02
C LYS A 147 -7.36 27.43 -19.63
N PHE A 148 -6.51 26.60 -19.04
CA PHE A 148 -6.01 26.80 -17.68
C PHE A 148 -4.50 26.89 -17.74
N ALA A 149 -3.95 28.02 -17.30
CA ALA A 149 -2.51 28.21 -17.37
C ALA A 149 -2.06 29.05 -16.18
N THR A 150 -0.89 28.74 -15.62
CA THR A 150 -0.35 29.56 -14.56
C THR A 150 0.54 30.65 -15.13
N TYR A 151 0.52 31.81 -14.47
CA TYR A 151 1.31 32.96 -14.87
C TYR A 151 2.09 33.51 -13.68
N PHE A 152 3.12 34.29 -13.97
CA PHE A 152 3.90 34.95 -12.93
C PHE A 152 3.32 36.34 -12.64
N LYS A 156 6.13 35.95 -17.41
CA LYS A 156 4.77 35.95 -17.00
C LYS A 156 4.22 34.55 -17.20
N LEU A 157 4.16 34.08 -18.44
CA LEU A 157 3.59 32.75 -18.63
C LEU A 157 4.46 31.69 -17.95
N ASP A 158 3.82 30.84 -17.13
CA ASP A 158 4.52 29.78 -16.43
C ASP A 158 4.34 28.46 -17.17
N THR A 159 3.14 27.88 -17.12
CA THR A 159 2.90 26.59 -17.74
C THR A 159 1.44 26.51 -18.20
N GLU A 160 1.21 25.85 -19.33
CA GLU A 160 -0.15 25.54 -19.77
C GLU A 160 -0.52 24.15 -19.24
N HIS A 161 -1.58 24.09 -18.44
CA HIS A 161 -1.87 22.90 -17.66
C HIS A 161 -2.97 22.03 -18.25
N ALA A 162 -4.07 22.63 -18.68
CA ALA A 162 -5.25 21.84 -19.02
C ALA A 162 -6.17 22.67 -19.91
N SER A 163 -7.12 21.99 -20.54
CA SER A 163 -8.14 22.62 -21.35
C SER A 163 -9.41 21.78 -21.33
N CYS A 164 -10.54 22.42 -21.59
CA CYS A 164 -11.80 21.71 -21.70
C CYS A 164 -12.74 22.57 -22.54
N THR A 165 -13.87 21.97 -22.91
CA THR A 165 -14.93 22.68 -23.60
C THR A 165 -16.18 22.61 -22.74
N VAL A 166 -16.65 23.75 -22.23
CA VAL A 166 -17.93 23.73 -21.51
C VAL A 166 -19.05 23.73 -22.53
N ARG A 167 -20.06 22.92 -22.29
CA ARG A 167 -21.18 22.78 -23.19
C ARG A 167 -22.47 23.08 -22.44
N PHE A 168 -23.35 23.89 -23.05
CA PHE A 168 -24.64 24.27 -22.47
C PHE A 168 -25.55 23.21 -23.08
N THR A 169 -25.85 22.19 -22.31
CA THR A 169 -26.32 20.94 -22.86
C THR A 169 -27.80 20.72 -22.58
N SER A 170 -28.36 19.71 -23.24
CA SER A 170 -29.74 19.31 -23.08
C SER A 170 -29.88 18.36 -21.89
N ASP A 171 -31.12 18.13 -21.46
CA ASP A 171 -31.36 17.17 -20.39
C ASP A 171 -31.62 15.77 -20.91
N ALA A 172 -31.34 15.52 -22.21
CA ALA A 172 -31.56 14.19 -22.75
C ALA A 172 -30.76 13.12 -22.03
N GLN A 173 -29.51 13.44 -21.67
CA GLN A 173 -28.71 12.42 -20.98
C GLN A 173 -29.27 12.13 -19.59
N LEU A 174 -29.60 13.18 -18.84
CA LEU A 174 -30.22 13.01 -17.53
C LEU A 174 -31.47 12.14 -17.63
N LYS A 175 -32.33 12.41 -18.61
CA LYS A 175 -33.53 11.59 -18.78
C LYS A 175 -33.19 10.13 -19.04
N SER A 176 -32.19 9.86 -19.88
CA SER A 176 -31.78 8.48 -20.12
C SER A 176 -31.17 7.85 -18.86
N LEU A 177 -30.36 8.60 -18.12
CA LEU A 177 -29.79 8.05 -16.90
C LEU A 177 -30.87 7.68 -15.90
N ARG A 178 -31.91 8.52 -15.78
CA ARG A 178 -32.99 8.22 -14.83
C ARG A 178 -33.68 6.91 -15.17
N ARG A 179 -33.75 6.56 -16.45
CA ARG A 179 -34.32 5.29 -16.86
C ARG A 179 -33.40 4.12 -16.59
N SER A 180 -32.11 4.37 -16.37
CA SER A 180 -31.13 3.32 -16.10
C SER A 180 -30.89 3.09 -14.61
N VAL A 181 -31.56 3.82 -13.72
CA VAL A 181 -31.22 3.75 -12.30
C VAL A 181 -31.34 2.34 -11.78
N SER A 182 -32.46 1.65 -12.09
CA SER A 182 -32.61 0.30 -11.58
C SER A 182 -31.52 -0.62 -12.11
N GLU A 183 -31.03 -0.37 -13.32
CA GLU A 183 -29.95 -1.18 -13.87
C GLU A 183 -28.63 -0.94 -13.13
N TYR A 184 -28.32 0.33 -12.84
CA TYR A 184 -27.13 0.61 -12.05
C TYR A 184 -27.24 0.03 -10.64
N LYS A 185 -28.42 0.13 -10.05
CA LYS A 185 -28.62 -0.40 -8.73
C LYS A 185 -28.42 -1.91 -8.70
N THR A 186 -28.85 -2.59 -9.73
CA THR A 186 -28.67 -4.03 -9.80
C THR A 186 -27.19 -4.40 -9.92
N HIS A 187 -26.42 -3.63 -10.70
CA HIS A 187 -24.98 -3.89 -10.79
C HIS A 187 -24.32 -3.71 -9.43
N ILE A 188 -24.75 -2.69 -8.68
CA ILE A 188 -24.22 -2.46 -7.34
C ILE A 188 -24.60 -3.60 -6.41
N ARG A 189 -25.86 -4.03 -6.44
CA ARG A 189 -26.29 -5.14 -5.61
C ARG A 189 -25.52 -6.41 -5.94
N GLN A 190 -25.21 -6.62 -7.22
CA GLN A 190 -24.50 -7.84 -7.59
C GLN A 190 -23.08 -7.84 -7.05
N LEU A 191 -22.45 -6.66 -6.98
CA LEU A 191 -21.12 -6.58 -6.39
C LEU A 191 -21.16 -6.91 -4.89
N HIS A 192 -22.16 -6.40 -4.18
CA HIS A 192 -22.27 -6.69 -2.75
C HIS A 192 -22.59 -8.17 -2.52
N ASP A 193 -23.43 -8.75 -3.38
CA ASP A 193 -23.73 -10.19 -3.27
C ASP A 193 -22.48 -11.02 -3.48
N GLY A 194 -21.64 -10.64 -4.44
CA GLY A 194 -20.43 -11.39 -4.70
C GLY A 194 -19.45 -11.30 -3.53
N HIS A 195 -19.31 -10.12 -2.94
CA HIS A 195 -18.46 -10.00 -1.77
C HIS A 195 -18.98 -10.85 -0.63
N ALA A 196 -20.30 -10.87 -0.42
CA ALA A 196 -20.89 -11.64 0.65
C ALA A 196 -20.69 -13.14 0.45
N LYS A 197 -20.32 -13.56 -0.76
CA LYS A 197 -19.99 -14.95 -1.06
C LYS A 197 -18.48 -15.17 -1.19
N GLY A 198 -17.67 -14.18 -0.83
CA GLY A 198 -16.24 -14.32 -0.90
C GLY A 198 -15.62 -14.16 -2.26
N GLN A 199 -16.34 -13.59 -3.23
CA GLN A 199 -15.88 -13.48 -4.62
C GLN A 199 -15.06 -12.22 -4.89
N PHE A 200 -15.44 -11.10 -4.31
CA PHE A 200 -14.84 -9.80 -4.62
C PHE A 200 -14.25 -9.19 -3.35
N MET A 201 -13.25 -8.32 -3.55
CA MET A 201 -12.64 -7.59 -2.44
C MET A 201 -13.53 -6.44 -1.98
N ARG A 202 -13.59 -6.21 -0.66
CA ARG A 202 -14.21 -5.02 -0.11
C ARG A 202 -13.19 -4.30 0.76
N TYR A 203 -12.88 -3.06 0.40
CA TYR A 203 -11.90 -2.26 1.12
C TYR A 203 -12.58 -1.23 2.00
N ASN A 204 -12.27 -1.25 3.29
CA ASN A 204 -12.61 -0.12 4.14
C ASN A 204 -11.75 1.06 3.76
N ARG A 205 -12.25 2.26 4.07
CA ARG A 205 -11.59 3.52 3.73
C ARG A 205 -10.07 3.49 3.95
N LYS A 206 -9.65 3.32 5.21
CA LYS A 206 -8.22 3.49 5.50
C LYS A 206 -7.38 2.39 4.85
N THR A 207 -7.95 1.19 4.69
CA THR A 207 -7.22 0.11 4.06
C THR A 207 -7.08 0.37 2.56
N GLY A 208 -8.12 0.92 1.92
CA GLY A 208 -8.01 1.31 0.52
C GLY A 208 -6.91 2.34 0.29
N TYR A 209 -6.88 3.39 1.11
CA TYR A 209 -5.84 4.40 0.96
C TYR A 209 -4.46 3.84 1.31
N LYS A 210 -4.38 2.91 2.26
CA LYS A 210 -3.11 2.24 2.53
C LYS A 210 -2.62 1.48 1.30
N LEU A 211 -3.53 0.76 0.63
CA LEU A 211 -3.14 0.00 -0.56
C LEU A 211 -2.53 0.89 -1.64
N MET A 212 -2.99 2.13 -1.75
CA MET A 212 -2.50 3.05 -2.77
C MET A 212 -1.36 3.95 -2.29
N SER A 213 -0.96 3.83 -1.02
CA SER A 213 -0.11 4.85 -0.39
C SER A 213 1.31 4.89 -0.96
N SER A 214 1.81 3.82 -1.56
CA SER A 214 3.12 3.95 -2.17
C SER A 214 3.04 4.71 -3.49
N MET A 215 1.86 4.90 -4.03
CA MET A 215 1.67 5.67 -5.26
C MET A 215 1.34 7.13 -4.93
N ALA A 216 0.36 7.36 -4.09
CA ALA A 216 0.00 8.71 -3.70
C ALA A 216 -0.60 8.72 -2.30
N ARG A 217 -0.34 9.79 -1.57
CA ARG A 217 -0.94 10.05 -0.26
C ARG A 217 -1.92 11.24 -0.47
N PHE A 218 -3.10 11.21 0.07
CA PHE A 218 -4.15 12.18 -0.19
C PHE A 218 -4.24 13.19 0.96
N ASN A 219 -4.47 14.44 0.60
CA ASN A 219 -5.03 15.43 1.50
C ASN A 219 -6.17 14.75 2.23
N PRO A 220 -6.21 14.82 3.57
CA PRO A 220 -7.33 14.20 4.29
C PRO A 220 -8.70 14.64 3.83
N ASP A 221 -8.84 15.89 3.37
CA ASP A 221 -10.13 16.37 2.89
C ASP A 221 -10.55 15.67 1.61
N TYR A 222 -9.63 14.97 0.95
CA TYR A 222 -9.93 14.20 -0.25
C TYR A 222 -10.16 12.72 0.04
N MET A 223 -9.98 12.28 1.29
CA MET A 223 -10.09 10.86 1.64
C MET A 223 -11.54 10.53 2.00
N LEU A 224 -12.39 10.54 0.97
CA LEU A 224 -13.84 10.47 1.15
C LEU A 224 -14.43 9.13 0.74
N LEU A 225 -13.61 8.19 0.29
CA LEU A 225 -14.13 6.87 -0.05
C LEU A 225 -14.31 6.03 1.22
N ASP A 226 -15.57 5.81 1.59
CA ASP A 226 -15.90 5.11 2.83
C ASP A 226 -15.70 3.59 2.70
N TYR A 227 -16.10 3.01 1.56
CA TYR A 227 -15.83 1.61 1.26
C TYR A 227 -15.83 1.46 -0.26
N LEU A 228 -15.24 0.36 -0.72
CA LEU A 228 -15.25 0.05 -2.14
C LEU A 228 -15.22 -1.46 -2.35
N VAL A 229 -16.15 -1.97 -3.14
CA VAL A 229 -16.19 -3.38 -3.54
C VAL A 229 -15.68 -3.47 -4.97
N LEU A 230 -14.68 -4.32 -5.20
CA LEU A 230 -13.99 -4.38 -6.49
C LEU A 230 -14.08 -5.78 -7.08
N ASN A 231 -14.63 -5.87 -8.28
CA ASN A 231 -14.57 -7.07 -9.13
C ASN A 231 -13.38 -6.88 -10.08
N GLU A 232 -12.23 -7.45 -9.72
CA GLU A 232 -11.00 -7.17 -10.44
C GLU A 232 -11.06 -7.68 -11.87
N ALA A 233 -11.82 -8.75 -12.11
CA ALA A 233 -11.91 -9.35 -13.44
C ALA A 233 -12.44 -8.37 -14.49
N GLU A 234 -13.25 -7.39 -14.06
CA GLU A 234 -13.85 -6.43 -14.99
C GLU A 234 -13.52 -4.98 -14.66
N ASN A 235 -12.53 -4.73 -13.80
CA ASN A 235 -12.22 -3.37 -13.34
C ASN A 235 -13.51 -2.66 -12.92
N GLU A 236 -14.34 -3.35 -12.14
CA GLU A 236 -15.70 -2.92 -11.87
C GLU A 236 -15.87 -2.69 -10.38
N ALA A 237 -16.35 -1.51 -10.00
CA ALA A 237 -16.37 -1.11 -8.59
C ALA A 237 -17.68 -0.44 -8.22
N ALA A 238 -18.08 -0.65 -6.96
CA ALA A 238 -19.16 0.10 -6.34
C ALA A 238 -18.61 0.65 -5.03
N SER A 239 -18.84 1.92 -4.79
CA SER A 239 -18.20 2.58 -3.67
C SER A 239 -19.20 3.49 -2.97
N GLY A 240 -19.11 3.55 -1.64
CA GLY A 240 -19.80 4.56 -0.89
C GLY A 240 -18.81 5.69 -0.66
N VAL A 241 -19.17 6.87 -1.14
CA VAL A 241 -18.37 8.07 -0.90
C VAL A 241 -19.15 8.93 0.07
N ASP A 242 -18.49 9.38 1.12
CA ASP A 242 -19.16 10.05 2.23
C ASP A 242 -18.49 11.39 2.41
N PHE A 243 -19.14 12.43 1.89
CA PHE A 243 -18.50 13.73 1.95
C PHE A 243 -18.41 14.26 3.38
N SER A 244 -19.12 13.68 4.34
CA SER A 244 -18.98 14.10 5.74
C SER A 244 -17.63 13.73 6.33
N LEU A 245 -16.83 12.90 5.65
CA LEU A 245 -15.56 12.43 6.20
C LEU A 245 -14.43 13.44 6.06
N GLY A 246 -14.65 14.57 5.39
CA GLY A 246 -13.63 15.59 5.26
C GLY A 246 -14.21 16.96 5.57
N SER A 247 -13.33 17.95 5.62
CA SER A 247 -13.72 19.34 5.79
C SER A 247 -13.76 20.04 4.43
N SER A 248 -14.81 20.81 4.17
CA SER A 248 -15.01 21.35 2.84
C SER A 248 -15.45 22.80 2.91
N GLU A 249 -14.73 23.61 3.68
CA GLU A 249 -15.14 24.99 3.88
C GLU A 249 -14.79 25.83 2.66
N GLY A 250 -15.73 26.64 2.22
CA GLY A 250 -15.53 27.56 1.14
C GLY A 250 -16.77 27.65 0.28
N THR A 251 -16.65 28.36 -0.83
CA THR A 251 -17.72 28.46 -1.81
C THR A 251 -17.19 27.93 -3.14
N PHE A 252 -18.02 27.12 -3.81
CA PHE A 252 -17.61 26.42 -5.03
C PHE A 252 -18.82 26.26 -5.94
N ALA A 253 -18.58 25.94 -7.22
CA ALA A 253 -19.68 25.36 -8.00
C ALA A 253 -19.77 23.85 -7.76
N ALA A 254 -18.63 23.18 -7.75
CA ALA A 254 -18.55 21.76 -7.43
C ALA A 254 -17.27 21.58 -6.64
N HIS A 255 -17.37 21.26 -5.37
CA HIS A 255 -16.22 21.13 -4.54
C HIS A 255 -15.13 20.22 -5.11
N PRO A 256 -13.92 20.70 -5.28
CA PRO A 256 -12.91 19.84 -5.93
C PRO A 256 -12.64 18.55 -5.18
N ALA A 257 -12.82 18.51 -3.85
CA ALA A 257 -12.60 17.26 -3.14
C ALA A 257 -13.71 16.26 -3.42
N HIS A 258 -14.95 16.75 -3.52
CA HIS A 258 -16.08 15.87 -3.80
C HIS A 258 -15.97 15.27 -5.19
N VAL A 259 -15.63 16.09 -6.19
CA VAL A 259 -15.53 15.57 -7.54
C VAL A 259 -14.33 14.64 -7.69
N ASP A 260 -13.20 14.99 -7.08
CA ASP A 260 -12.05 14.09 -7.16
C ASP A 260 -12.35 12.74 -6.52
N ALA A 261 -13.09 12.73 -5.40
CA ALA A 261 -13.44 11.47 -4.77
C ALA A 261 -14.23 10.57 -5.73
N ILE A 262 -15.10 11.17 -6.55
CA ILE A 262 -15.81 10.39 -7.55
C ILE A 262 -14.82 9.72 -8.51
N THR A 263 -13.84 10.48 -9.02
CA THR A 263 -12.91 9.87 -9.97
C THR A 263 -11.97 8.89 -9.29
N GLN A 264 -11.73 9.02 -7.99
CA GLN A 264 -10.85 8.07 -7.30
C GLN A 264 -11.39 6.65 -7.38
N VAL A 265 -12.71 6.50 -7.50
CA VAL A 265 -13.27 5.16 -7.58
C VAL A 265 -12.77 4.47 -8.84
N ALA A 266 -12.74 5.18 -9.96
CA ALA A 266 -12.21 4.60 -11.19
C ALA A 266 -10.71 4.35 -11.09
N GLY A 267 -9.97 5.31 -10.52
CA GLY A 267 -8.53 5.11 -10.38
C GLY A 267 -8.21 3.90 -9.51
N PHE A 268 -8.93 3.74 -8.41
CA PHE A 268 -8.72 2.59 -7.54
C PHE A 268 -9.05 1.30 -8.28
N ALA A 269 -10.16 1.29 -9.02
CA ALA A 269 -10.54 0.08 -9.73
C ALA A 269 -9.42 -0.40 -10.64
N MET A 270 -8.67 0.53 -11.24
CA MET A 270 -7.56 0.11 -12.10
C MET A 270 -6.34 -0.31 -11.27
N ASN A 271 -5.88 0.57 -10.37
CA ASN A 271 -4.60 0.36 -9.71
C ASN A 271 -4.64 -0.68 -8.60
N ALA A 272 -5.83 -1.00 -8.07
CA ALA A 272 -5.94 -2.02 -7.05
C ALA A 272 -6.03 -3.43 -7.63
N ASN A 273 -5.96 -3.59 -8.95
CA ASN A 273 -5.91 -4.93 -9.53
C ASN A 273 -4.64 -5.66 -9.12
N ASP A 274 -4.79 -6.94 -8.79
CA ASP A 274 -3.66 -7.75 -8.33
C ASP A 274 -2.53 -7.78 -9.35
N ASN A 275 -2.85 -7.63 -10.64
CA ASN A 275 -1.84 -7.71 -11.70
C ASN A 275 -1.29 -6.36 -12.12
N VAL A 276 -1.67 -5.28 -11.46
CA VAL A 276 -1.03 -3.98 -11.66
C VAL A 276 0.01 -3.80 -10.56
N ASP A 277 1.29 -3.78 -10.94
CA ASP A 277 2.39 -3.57 -9.98
C ASP A 277 2.64 -2.08 -9.89
N ILE A 278 2.14 -1.44 -8.83
CA ILE A 278 2.22 0.02 -8.79
C ILE A 278 3.63 0.51 -8.46
N GLU A 279 4.56 -0.41 -8.22
CA GLU A 279 5.96 0.01 -8.18
C GLU A 279 6.51 0.31 -9.56
N LYS A 280 5.87 -0.20 -10.59
CA LYS A 280 6.40 -0.11 -11.94
C LYS A 280 5.49 0.63 -12.91
N GLN A 281 4.18 0.42 -12.83
CA GLN A 281 3.23 1.08 -13.73
C GLN A 281 2.00 1.47 -12.95
N VAL A 282 1.47 2.67 -13.21
CA VAL A 282 0.30 3.20 -12.51
C VAL A 282 -0.62 3.88 -13.50
N TYR A 283 -1.92 3.81 -13.22
CA TYR A 283 -2.93 4.50 -14.02
C TYR A 283 -3.18 5.88 -13.43
N VAL A 284 -2.92 6.92 -14.22
CA VAL A 284 -3.06 8.30 -13.76
C VAL A 284 -4.21 8.99 -14.48
N ASN A 285 -4.67 10.09 -13.90
CA ASN A 285 -5.71 10.90 -14.54
C ASN A 285 -5.23 11.36 -15.91
N HIS A 286 -6.14 11.32 -16.87
CA HIS A 286 -5.86 11.83 -18.21
C HIS A 286 -6.88 12.90 -18.61
N GLY A 287 -8.13 12.73 -18.21
CA GLY A 287 -9.19 13.66 -18.51
C GLY A 287 -10.48 12.89 -18.70
N TRP A 288 -11.43 13.49 -19.43
CA TRP A 288 -12.70 12.82 -19.64
C TRP A 288 -13.44 13.45 -20.80
N ASP A 289 -14.40 12.70 -21.33
CA ASP A 289 -15.18 13.20 -22.46
C ASP A 289 -16.30 14.13 -22.01
N SER A 290 -16.92 13.86 -20.86
CA SER A 290 -18.12 14.60 -20.45
C SER A 290 -18.31 14.45 -18.95
N PHE A 291 -18.75 15.51 -18.29
CA PHE A 291 -19.04 15.51 -16.85
C PHE A 291 -20.22 16.44 -16.59
N GLN A 292 -21.30 15.89 -16.01
CA GLN A 292 -22.49 16.65 -15.68
C GLN A 292 -22.89 16.38 -14.24
N ILE A 293 -23.36 17.41 -13.56
CA ILE A 293 -23.84 17.31 -12.18
C ILE A 293 -25.30 17.73 -12.16
N TYR A 294 -26.15 16.90 -11.57
CA TYR A 294 -27.59 17.12 -11.60
C TYR A 294 -28.16 17.51 -10.25
N GLN A 295 -27.43 17.27 -9.16
CA GLN A 295 -27.85 17.61 -7.79
C GLN A 295 -26.64 18.13 -7.04
N PRO A 296 -26.82 18.96 -6.07
CA PRO A 296 -25.69 19.45 -5.31
C PRO A 296 -24.92 18.34 -4.66
N LEU A 297 -23.62 18.50 -4.52
CA LEU A 297 -22.74 17.54 -3.84
C LEU A 297 -22.61 18.00 -2.39
N ASP A 298 -23.51 17.50 -1.54
CA ASP A 298 -23.74 18.00 -0.19
C ASP A 298 -22.71 17.44 0.79
N ASN A 299 -22.02 18.33 1.49
CA ASN A 299 -20.95 17.91 2.40
C ASN A 299 -21.34 17.15 3.66
N SER A 300 -22.64 16.97 3.82
CA SER A 300 -23.12 16.14 4.92
C SER A 300 -23.62 14.77 4.49
N LYS A 301 -23.57 14.45 3.19
CA LYS A 301 -24.23 13.27 2.67
C LYS A 301 -23.21 12.27 2.12
N SER A 302 -23.65 11.03 2.04
CA SER A 302 -22.95 9.95 1.36
C SER A 302 -23.70 9.61 0.08
N TYR A 303 -22.95 9.08 -0.89
CA TYR A 303 -23.44 8.80 -2.24
C TYR A 303 -22.90 7.45 -2.68
N GLN A 304 -23.58 6.84 -3.65
CA GLN A 304 -23.13 5.59 -4.23
C GLN A 304 -22.51 5.87 -5.59
N VAL A 305 -21.33 5.29 -5.84
CA VAL A 305 -20.59 5.50 -7.07
C VAL A 305 -20.33 4.15 -7.71
N TYR A 306 -20.60 4.04 -9.01
CA TYR A 306 -20.42 2.79 -9.74
C TYR A 306 -19.68 3.03 -11.04
N THR A 307 -18.70 2.18 -11.34
CA THR A 307 -17.98 2.28 -12.60
C THR A 307 -17.55 0.89 -13.07
N LYS A 308 -17.50 0.72 -14.39
CA LYS A 308 -16.91 -0.47 -15.01
C LYS A 308 -15.90 0.02 -16.03
N MET A 309 -14.62 0.02 -15.65
CA MET A 309 -13.59 0.58 -16.52
C MET A 309 -13.16 -0.48 -17.52
N GLY A 310 -12.75 -0.02 -18.70
CA GLY A 310 -12.37 -0.93 -19.76
C GLY A 310 -11.07 -1.66 -19.50
N GLN A 311 -10.84 -2.71 -20.29
CA GLN A 311 -9.62 -3.50 -20.21
C GLN A 311 -8.47 -2.76 -20.88
N ALA A 312 -7.28 -2.94 -20.34
CA ALA A 312 -6.08 -2.33 -20.89
C ALA A 312 -5.85 -2.78 -22.33
N ASN A 315 -3.13 0.42 -26.73
CA ASN A 315 -2.37 1.60 -26.33
C ASN A 315 -2.28 1.67 -24.80
N ASP A 316 -2.03 2.87 -24.28
CA ASP A 316 -1.81 3.09 -22.86
C ASP A 316 -3.02 3.69 -22.15
N LEU A 317 -4.18 3.75 -22.81
CA LEU A 317 -5.37 4.40 -22.27
C LEU A 317 -6.47 3.40 -21.97
N VAL A 318 -7.24 3.68 -20.92
CA VAL A 318 -8.46 2.95 -20.61
C VAL A 318 -9.54 3.99 -20.34
N HIS A 319 -10.79 3.61 -20.60
CA HIS A 319 -11.84 4.59 -20.31
C HIS A 319 -13.08 3.87 -19.83
N GLY A 320 -13.99 4.65 -19.26
CA GLY A 320 -15.23 4.09 -18.76
C GLY A 320 -16.11 5.21 -18.23
N ASP A 321 -17.34 4.83 -17.87
CA ASP A 321 -18.29 5.76 -17.29
C ASP A 321 -18.34 5.60 -15.77
N VAL A 322 -18.67 6.69 -15.09
CA VAL A 322 -18.80 6.70 -13.63
C VAL A 322 -20.12 7.39 -13.30
N VAL A 323 -21.00 6.68 -12.60
CA VAL A 323 -22.29 7.24 -12.21
C VAL A 323 -22.31 7.46 -10.70
N VAL A 324 -23.00 8.52 -10.27
CA VAL A 324 -23.16 8.85 -8.86
C VAL A 324 -24.65 8.87 -8.54
N LEU A 325 -25.05 8.10 -7.54
CA LEU A 325 -26.45 8.00 -7.12
C LEU A 325 -26.64 8.53 -5.70
N ASP A 326 -27.84 8.99 -5.42
CA ASP A 326 -28.28 9.27 -4.06
C ASP A 326 -29.54 8.46 -3.88
N GLY A 327 -29.38 7.18 -3.50
CA GLY A 327 -30.51 6.28 -3.42
C GLY A 327 -31.05 6.03 -4.81
N GLU A 328 -32.24 6.56 -5.09
CA GLU A 328 -32.87 6.41 -6.41
C GLU A 328 -32.58 7.58 -7.35
N GLN A 329 -31.91 8.63 -6.90
CA GLN A 329 -31.72 9.84 -7.69
C GLN A 329 -30.37 9.83 -8.40
N ILE A 330 -30.33 10.32 -9.62
CA ILE A 330 -29.10 10.44 -10.37
C ILE A 330 -28.47 11.74 -9.94
N VAL A 331 -27.22 11.72 -9.50
CA VAL A 331 -26.55 12.88 -8.96
C VAL A 331 -25.53 13.47 -9.92
N ALA A 332 -24.78 12.61 -10.61
CA ALA A 332 -23.71 13.08 -11.51
C ALA A 332 -23.26 11.92 -12.39
N PHE A 333 -22.57 12.27 -13.49
CA PHE A 333 -22.13 11.24 -14.44
C PHE A 333 -20.88 11.72 -15.17
N PHE A 334 -19.83 10.90 -15.13
CA PHE A 334 -18.70 11.01 -16.04
C PHE A 334 -18.91 10.06 -17.20
N ARG A 335 -18.83 10.58 -18.42
CA ARG A 335 -18.85 9.74 -19.61
C ARG A 335 -17.45 9.76 -20.21
N GLY A 336 -16.87 8.57 -20.40
CA GLY A 336 -15.54 8.49 -20.96
C GLY A 336 -14.43 9.05 -20.09
N LEU A 337 -14.49 8.81 -18.78
CA LEU A 337 -13.35 9.10 -17.92
C LEU A 337 -12.17 8.27 -18.39
N THR A 338 -11.05 8.91 -18.62
CA THR A 338 -9.91 8.29 -19.27
C THR A 338 -8.72 8.30 -18.33
N LEU A 339 -8.13 7.13 -18.13
CA LEU A 339 -6.91 6.95 -17.36
C LEU A 339 -5.79 6.49 -18.30
N ARG A 340 -4.56 6.87 -17.95
CA ARG A 340 -3.38 6.55 -18.75
C ARG A 340 -2.39 5.77 -17.92
N SER A 341 -1.93 4.64 -18.46
CA SER A 341 -0.90 3.84 -17.82
C SER A 341 0.47 4.48 -18.07
N VAL A 342 1.18 4.84 -16.99
CA VAL A 342 2.50 5.45 -17.12
C VAL A 342 3.50 4.70 -16.24
N PRO A 343 4.79 4.67 -16.61
CA PRO A 343 5.77 4.06 -15.71
C PRO A 343 5.88 4.85 -14.42
N ARG A 344 5.88 4.13 -13.29
CA ARG A 344 5.91 4.79 -11.98
C ARG A 344 7.14 5.66 -11.82
N GLY A 345 8.30 5.19 -12.29
CA GLY A 345 9.53 5.95 -12.14
C GLY A 345 9.59 7.14 -13.07
N ALA A 346 9.12 6.98 -14.31
CA ALA A 346 9.05 8.13 -15.21
C ALA A 346 8.14 9.21 -14.65
N LEU A 347 7.03 8.82 -14.02
CA LEU A 347 6.19 9.79 -13.32
C LEU A 347 7.00 10.56 -12.28
N ARG A 348 7.82 9.83 -11.51
CA ARG A 348 8.60 10.46 -10.44
C ARG A 348 9.57 11.48 -10.99
N VAL A 349 10.30 11.12 -12.06
CA VAL A 349 11.29 12.03 -12.62
C VAL A 349 10.63 13.30 -13.14
N VAL A 350 9.50 13.16 -13.85
CA VAL A 350 8.82 14.33 -14.40
C VAL A 350 8.43 15.30 -13.28
N LEU A 351 7.82 14.78 -12.21
CA LEU A 351 7.37 15.63 -11.13
C LEU A 351 8.53 16.31 -10.42
N GLN A 352 9.63 15.58 -10.22
CA GLN A 352 10.77 16.14 -9.50
C GLN A 352 11.53 17.18 -10.31
N THR A 353 11.52 17.03 -11.62
CA THR A 353 12.20 17.99 -12.44
C THR A 353 11.46 19.31 -12.34
N GLU B 22 34.03 -32.00 11.57
CA GLU B 22 33.90 -30.63 12.06
C GLU B 22 32.77 -29.90 11.33
N ILE B 23 32.53 -28.66 11.72
CA ILE B 23 31.33 -27.96 11.28
C ILE B 23 31.40 -27.74 9.77
N LYS B 24 30.30 -28.06 9.09
CA LYS B 24 30.21 -27.83 7.66
C LYS B 24 29.98 -26.35 7.37
N THR B 25 30.57 -25.89 6.26
CA THR B 25 30.34 -24.54 5.78
C THR B 25 29.18 -24.54 4.79
N THR B 26 28.46 -23.42 4.75
CA THR B 26 27.22 -23.32 3.99
C THR B 26 27.16 -21.93 3.34
N THR B 27 26.05 -21.64 2.68
CA THR B 27 25.81 -20.30 2.13
C THR B 27 25.89 -19.23 3.21
N THR B 28 25.45 -19.55 4.43
CA THR B 28 25.35 -18.55 5.48
C THR B 28 26.39 -18.72 6.60
N LEU B 29 27.31 -19.69 6.48
CA LEU B 29 28.38 -19.87 7.47
C LEU B 29 29.64 -20.20 6.67
N HIS B 30 30.63 -19.30 6.70
CA HIS B 30 31.73 -19.38 5.74
C HIS B 30 33.02 -19.94 6.32
N ARG B 31 33.36 -19.63 7.56
CA ARG B 31 34.58 -20.22 8.11
C ARG B 31 34.56 -20.15 9.63
N VAL B 32 35.39 -21.00 10.23
CA VAL B 32 35.63 -20.98 11.67
C VAL B 32 36.74 -20.00 11.97
N VAL B 33 36.49 -19.07 12.88
CA VAL B 33 37.50 -18.11 13.32
C VAL B 33 38.31 -18.65 14.50
N GLU B 34 37.63 -19.32 15.42
CA GLU B 34 38.22 -19.73 16.68
C GLU B 34 37.37 -20.83 17.28
N GLU B 35 38.01 -21.79 17.93
CA GLU B 35 37.28 -22.88 18.58
C GLU B 35 38.13 -23.39 19.74
N THR B 36 37.73 -23.05 20.96
CA THR B 36 38.51 -23.34 22.16
C THR B 36 37.64 -24.10 23.16
N THR B 37 38.25 -25.07 23.84
CA THR B 37 37.60 -25.80 24.91
C THR B 37 38.42 -25.63 26.19
N LYS B 38 37.73 -25.59 27.32
CA LYS B 38 38.35 -25.43 28.63
C LYS B 38 37.57 -26.31 29.61
N PRO B 39 37.97 -26.47 30.87
CA PRO B 39 37.28 -27.45 31.71
C PRO B 39 35.88 -27.03 32.10
N LEU B 40 35.58 -25.73 32.06
CA LEU B 40 34.26 -25.25 32.43
C LEU B 40 33.53 -24.58 31.27
N GLY B 41 33.90 -24.88 30.02
CA GLY B 41 33.15 -24.35 28.91
C GLY B 41 33.90 -24.48 27.59
N ALA B 42 33.33 -23.81 26.59
CA ALA B 42 33.87 -23.84 25.22
C ALA B 42 33.34 -22.63 24.47
N THR B 43 34.11 -22.20 23.46
CA THR B 43 33.76 -21.09 22.60
C THR B 43 33.91 -21.51 21.15
N LEU B 44 32.97 -21.09 20.31
CA LEU B 44 33.04 -21.30 18.87
C LEU B 44 32.69 -20.00 18.18
N VAL B 45 33.60 -19.50 17.35
CA VAL B 45 33.41 -18.26 16.61
C VAL B 45 33.47 -18.59 15.13
N VAL B 46 32.38 -18.32 14.42
CA VAL B 46 32.33 -18.51 12.97
C VAL B 46 32.09 -17.16 12.31
N GLU B 47 32.29 -17.13 11.00
CA GLU B 47 32.29 -15.88 10.26
C GLU B 47 31.55 -16.07 8.95
N THR B 48 30.78 -15.06 8.56
CA THR B 48 30.07 -15.02 7.30
C THR B 48 30.31 -13.67 6.65
N ASP B 49 30.92 -13.67 5.48
CA ASP B 49 31.07 -12.43 4.71
C ASP B 49 29.77 -12.24 3.94
N ILE B 50 28.90 -11.34 4.43
CA ILE B 50 27.61 -11.20 3.77
C ILE B 50 27.73 -10.46 2.45
N SER B 51 28.93 -10.01 2.08
CA SER B 51 29.16 -9.48 0.74
C SER B 51 29.56 -10.57 -0.27
N ARG B 52 29.78 -11.80 0.17
CA ARG B 52 30.14 -12.84 -0.79
C ARG B 52 28.99 -13.05 -1.78
N LYS B 53 29.34 -13.32 -3.04
CA LYS B 53 28.37 -13.21 -4.12
C LYS B 53 27.24 -14.22 -4.02
N ASP B 54 27.41 -15.34 -3.31
CA ASP B 54 26.33 -16.30 -3.21
C ASP B 54 25.34 -15.96 -2.10
N VAL B 55 25.67 -15.04 -1.20
CA VAL B 55 24.81 -14.77 -0.05
C VAL B 55 24.34 -13.31 0.02
N ASN B 56 24.97 -12.38 -0.71
CA ASN B 56 24.64 -10.97 -0.50
C ASN B 56 23.20 -10.69 -0.91
N GLY B 57 22.73 -11.28 -2.01
CA GLY B 57 21.33 -11.11 -2.40
C GLY B 57 20.38 -11.58 -1.31
N LEU B 58 20.65 -12.77 -0.76
CA LEU B 58 19.84 -13.33 0.30
C LEU B 58 19.88 -12.49 1.56
N ALA B 59 21.04 -11.91 1.86
CA ALA B 59 21.16 -11.10 3.07
C ALA B 59 20.27 -9.87 3.03
N ARG B 60 19.88 -9.43 1.84
CA ARG B 60 19.02 -8.25 1.65
C ARG B 60 17.57 -8.71 1.63
N GLY B 61 17.00 -8.91 2.82
CA GLY B 61 15.66 -9.46 2.90
C GLY B 61 14.55 -8.48 2.59
N HIS B 62 14.64 -7.30 3.13
CA HIS B 62 13.65 -6.27 2.93
C HIS B 62 14.38 -4.93 2.66
N LEU B 63 13.70 -4.02 1.98
CA LEU B 63 14.15 -2.65 1.80
C LEU B 63 13.19 -1.72 2.52
N VAL B 64 13.69 -0.92 3.46
CA VAL B 64 12.88 0.09 4.13
C VAL B 64 13.50 1.44 3.81
N ASP B 65 12.69 2.34 3.22
CA ASP B 65 13.17 3.66 2.79
C ASP B 65 14.45 3.55 1.98
N GLY B 66 14.47 2.60 1.06
CA GLY B 66 15.62 2.36 0.19
C GLY B 66 16.80 1.67 0.83
N ILE B 67 16.73 1.31 2.11
CA ILE B 67 17.88 0.77 2.85
C ILE B 67 17.67 -0.73 3.02
N PRO B 68 18.59 -1.58 2.56
CA PRO B 68 18.40 -3.02 2.73
C PRO B 68 18.66 -3.44 4.17
N LEU B 69 17.93 -4.47 4.60
CA LEU B 69 18.04 -4.97 5.96
C LEU B 69 18.13 -6.50 5.96
N CYS B 70 19.03 -7.01 6.79
CA CYS B 70 19.09 -8.43 7.11
C CYS B 70 17.94 -8.81 8.04
N THR B 71 17.32 -9.98 7.80
CA THR B 71 16.20 -10.41 8.64
C THR B 71 16.67 -11.24 9.84
N PRO B 72 15.89 -11.27 10.92
CA PRO B 72 16.23 -12.15 12.05
C PRO B 72 16.41 -13.61 11.67
N SER B 73 15.68 -14.09 10.66
CA SER B 73 15.83 -15.46 10.20
C SER B 73 17.23 -15.74 9.68
N PHE B 74 17.96 -14.72 9.26
CA PHE B 74 19.34 -14.92 8.84
C PHE B 74 20.17 -15.40 10.03
N TYR B 75 20.05 -14.71 11.17
CA TYR B 75 20.70 -15.17 12.39
C TYR B 75 20.19 -16.53 12.81
N ALA B 76 18.88 -16.77 12.70
CA ALA B 76 18.32 -18.04 13.16
C ALA B 76 18.94 -19.22 12.40
N ASP B 77 19.15 -19.04 11.09
CA ASP B 77 19.76 -20.09 10.29
C ASP B 77 21.15 -20.43 10.84
N ILE B 78 21.96 -19.40 11.09
CA ILE B 78 23.31 -19.64 11.60
C ILE B 78 23.25 -20.27 12.98
N ALA B 79 22.33 -19.78 13.83
CA ALA B 79 22.15 -20.33 15.17
C ALA B 79 21.83 -21.83 15.13
N MET B 80 20.95 -22.24 14.21
CA MET B 80 20.66 -23.67 14.06
C MET B 80 21.91 -24.43 13.68
N GLN B 81 22.71 -23.86 12.78
CA GLN B 81 23.92 -24.54 12.33
C GLN B 81 24.94 -24.71 13.46
N VAL B 82 25.21 -23.64 14.21
CA VAL B 82 26.22 -23.78 15.26
C VAL B 82 25.65 -24.60 16.42
N GLY B 83 24.33 -24.51 16.65
CA GLY B 83 23.71 -25.32 17.68
C GLY B 83 23.71 -26.80 17.32
N GLN B 84 23.28 -27.14 16.10
CA GLN B 84 23.30 -28.54 15.68
C GLN B 84 24.71 -29.11 15.74
N TYR B 85 25.68 -28.32 15.36
CA TYR B 85 27.03 -28.77 15.42
C TYR B 85 27.54 -28.99 16.85
N SER B 86 27.40 -27.99 17.68
CA SER B 86 27.92 -28.07 19.06
C SER B 86 27.52 -29.30 19.82
N MET B 87 26.22 -29.53 19.59
CA MET B 87 25.33 -30.61 20.09
C MET B 87 25.81 -31.98 19.63
N GLN B 88 25.81 -32.23 18.34
CA GLN B 88 26.39 -33.48 17.86
C GLN B 88 27.81 -33.70 18.38
N ARG B 89 28.57 -32.64 18.60
CA ARG B 89 29.94 -32.73 19.10
C ARG B 89 29.98 -33.20 20.54
N LEU B 90 28.99 -32.80 21.32
CA LEU B 90 28.89 -33.25 22.70
C LEU B 90 28.31 -34.67 22.73
N GLY B 102 16.55 -35.06 18.59
CA GLY B 102 17.57 -34.08 18.93
C GLY B 102 17.32 -32.71 18.34
N LEU B 103 16.35 -31.99 18.91
CA LEU B 103 15.90 -30.72 18.36
C LEU B 103 16.74 -29.57 18.91
N VAL B 104 17.06 -28.62 18.03
CA VAL B 104 17.61 -27.33 18.44
C VAL B 104 16.46 -26.33 18.44
N ASP B 105 16.30 -25.61 19.55
CA ASP B 105 15.37 -24.50 19.66
C ASP B 105 16.22 -23.24 19.63
N VAL B 106 15.94 -22.34 18.68
CA VAL B 106 16.55 -21.01 18.69
C VAL B 106 15.66 -20.15 19.59
N SER B 107 16.07 -19.99 20.85
CA SER B 107 15.20 -19.39 21.84
C SER B 107 15.73 -18.02 22.22
N ASP B 108 14.89 -17.23 22.90
CA ASP B 108 15.31 -15.94 23.46
C ASP B 108 16.02 -15.06 22.41
N MET B 109 15.46 -15.02 21.21
CA MET B 109 16.05 -14.24 20.12
C MET B 109 15.75 -12.77 20.37
N VAL B 110 16.80 -11.95 20.43
CA VAL B 110 16.67 -10.51 20.65
C VAL B 110 17.40 -9.79 19.54
N VAL B 111 16.68 -8.98 18.78
CA VAL B 111 17.26 -8.21 17.67
C VAL B 111 17.37 -6.77 18.13
N ASP B 112 18.59 -6.28 18.33
CA ASP B 112 18.78 -4.96 18.92
C ASP B 112 19.09 -3.88 17.91
N LYS B 113 19.88 -4.17 16.87
CA LYS B 113 20.35 -3.16 15.93
C LYS B 113 20.33 -3.70 14.51
N ALA B 114 19.82 -2.87 13.60
CA ALA B 114 19.74 -3.23 12.19
C ALA B 114 21.10 -3.61 11.63
N LEU B 115 21.08 -4.58 10.71
CA LEU B 115 22.25 -4.91 9.91
C LEU B 115 21.93 -4.56 8.47
N VAL B 116 22.70 -3.64 7.90
CA VAL B 116 22.48 -3.12 6.55
C VAL B 116 23.57 -3.70 5.65
N PRO B 117 23.27 -4.68 4.79
CA PRO B 117 24.31 -5.28 3.95
C PRO B 117 24.66 -4.35 2.80
N HIS B 118 25.75 -3.61 2.94
CA HIS B 118 26.08 -2.55 1.99
C HIS B 118 26.63 -3.07 0.66
N GLY B 119 27.16 -4.28 0.62
CA GLY B 119 27.66 -4.82 -0.63
C GLY B 119 28.85 -4.10 -1.22
N LYS B 120 29.66 -3.43 -0.39
CA LYS B 120 30.80 -2.64 -0.84
C LYS B 120 32.05 -3.13 -0.11
N GLY B 121 32.53 -4.30 -0.51
CA GLY B 121 33.68 -4.88 0.13
C GLY B 121 33.26 -5.76 1.29
N PRO B 122 34.21 -6.44 1.91
CA PRO B 122 33.87 -7.41 2.96
C PRO B 122 33.06 -6.79 4.08
N GLN B 123 32.07 -7.55 4.56
CA GLN B 123 31.23 -7.14 5.68
C GLN B 123 31.06 -8.40 6.52
N LEU B 124 31.82 -8.50 7.61
CA LEU B 124 32.05 -9.77 8.28
C LEU B 124 31.12 -9.91 9.47
N LEU B 125 30.16 -10.82 9.35
CA LEU B 125 29.25 -11.16 10.44
C LEU B 125 29.87 -12.28 11.26
N ARG B 126 30.17 -12.02 12.52
CA ARG B 126 30.76 -13.01 13.41
C ARG B 126 29.71 -13.55 14.35
N THR B 127 29.61 -14.87 14.43
CA THR B 127 28.67 -15.54 15.32
C THR B 127 29.48 -16.26 16.38
N THR B 128 29.25 -15.91 17.66
CA THR B 128 29.99 -16.45 18.79
C THR B 128 29.06 -17.28 19.65
N LEU B 129 29.40 -18.57 19.82
CA LEU B 129 28.65 -19.48 20.65
C LEU B 129 29.50 -19.83 21.87
N THR B 130 28.92 -19.73 23.05
CA THR B 130 29.64 -20.06 24.26
C THR B 130 28.83 -21.05 25.09
N MET B 131 29.51 -22.05 25.65
CA MET B 131 28.89 -22.97 26.59
C MET B 131 29.64 -22.94 27.90
N GLU B 132 28.93 -23.30 28.96
CA GLU B 132 29.48 -23.41 30.31
C GLU B 132 28.92 -24.67 30.93
N TRP B 133 29.68 -25.26 31.86
CA TRP B 133 29.20 -26.46 32.52
C TRP B 133 29.94 -26.63 33.83
N PRO B 134 29.27 -27.13 34.87
CA PRO B 134 30.01 -27.55 36.07
C PRO B 134 30.93 -28.69 35.73
N PRO B 135 32.07 -28.84 36.46
CA PRO B 135 33.13 -29.82 36.20
C PRO B 135 32.65 -31.22 35.83
N ALA B 137 30.90 -33.31 33.01
CA ALA B 137 29.58 -32.73 32.95
C ALA B 137 29.26 -32.04 31.60
N ALA B 138 30.25 -31.96 30.74
CA ALA B 138 30.06 -31.24 29.48
C ALA B 138 28.96 -31.89 28.63
N ALA B 139 28.88 -33.21 28.65
CA ALA B 139 27.89 -33.92 27.84
C ALA B 139 26.46 -33.66 28.29
N THR B 140 26.26 -33.15 29.51
CA THR B 140 24.90 -32.87 29.98
C THR B 140 24.34 -31.60 29.35
N THR B 141 25.19 -30.75 28.79
CA THR B 141 24.84 -29.38 28.45
C THR B 141 23.64 -29.29 27.52
N ARG B 142 22.66 -28.47 27.89
CA ARG B 142 21.45 -28.36 27.09
C ARG B 142 21.17 -26.96 26.56
N SER B 143 22.10 -26.02 26.69
CA SER B 143 21.92 -24.71 26.04
C SER B 143 23.27 -24.08 25.76
N ALA B 144 23.24 -23.06 24.90
CA ALA B 144 24.43 -22.27 24.60
C ALA B 144 23.99 -20.86 24.26
N LYS B 145 24.82 -19.89 24.62
CA LYS B 145 24.59 -18.48 24.31
C LYS B 145 25.24 -18.11 22.97
N VAL B 146 24.49 -17.41 22.12
CA VAL B 146 24.95 -17.06 20.78
C VAL B 146 24.83 -15.55 20.61
N LYS B 147 25.88 -14.92 20.05
CA LYS B 147 25.88 -13.50 19.77
C LYS B 147 26.26 -13.28 18.31
N PHE B 148 25.67 -12.24 17.72
CA PHE B 148 25.84 -11.89 16.31
C PHE B 148 26.33 -10.46 16.22
N ALA B 149 27.52 -10.25 15.66
CA ALA B 149 28.09 -8.91 15.57
C ALA B 149 28.88 -8.78 14.29
N THR B 150 28.84 -7.60 13.68
CA THR B 150 29.68 -7.38 12.50
C THR B 150 31.01 -6.76 12.91
N TYR B 151 32.05 -7.12 12.17
CA TYR B 151 33.39 -6.61 12.38
C TYR B 151 33.93 -6.09 11.05
N PHE B 152 34.89 -5.19 11.13
CA PHE B 152 35.44 -4.58 9.92
C PHE B 152 36.48 -5.49 9.27
N LYS B 156 38.09 -3.04 14.81
CA LYS B 156 37.45 -4.15 14.10
C LYS B 156 35.94 -4.19 14.38
N LEU B 157 35.52 -4.10 15.64
CA LEU B 157 34.08 -4.16 15.95
C LEU B 157 33.27 -3.10 15.25
N ASP B 158 32.17 -3.50 14.64
CA ASP B 158 31.31 -2.60 13.91
C ASP B 158 30.04 -2.37 14.70
N THR B 159 29.19 -3.39 14.82
CA THR B 159 27.93 -3.26 15.53
C THR B 159 27.53 -4.61 16.13
N GLU B 160 26.95 -4.56 17.32
CA GLU B 160 26.35 -5.74 17.95
C GLU B 160 24.88 -5.79 17.54
N HIS B 161 24.48 -6.87 16.85
CA HIS B 161 23.17 -6.87 16.21
C HIS B 161 22.11 -7.68 16.95
N ALA B 162 22.43 -8.88 17.41
CA ALA B 162 21.41 -9.76 17.93
C ALA B 162 22.05 -10.79 18.86
N SER B 163 21.20 -11.49 19.61
CA SER B 163 21.65 -12.59 20.45
C SER B 163 20.50 -13.58 20.63
N CYS B 164 20.84 -14.81 20.95
CA CYS B 164 19.82 -15.81 21.24
C CYS B 164 20.45 -16.89 22.10
N THR B 165 19.62 -17.78 22.60
CA THR B 165 20.09 -18.96 23.32
C THR B 165 19.61 -20.20 22.58
N VAL B 166 20.52 -20.99 22.04
CA VAL B 166 20.11 -22.25 21.44
C VAL B 166 19.92 -23.28 22.55
N ARG B 167 18.86 -24.05 22.46
CA ARG B 167 18.52 -25.02 23.48
C ARG B 167 18.43 -26.39 22.83
N PHE B 168 19.02 -27.39 23.48
CA PHE B 168 18.97 -28.76 22.99
C PHE B 168 17.80 -29.40 23.73
N THR B 169 16.65 -29.42 23.07
CA THR B 169 15.37 -29.52 23.76
C THR B 169 14.75 -30.90 23.63
N SER B 170 13.69 -31.13 24.42
CA SER B 170 12.92 -32.36 24.40
C SER B 170 11.88 -32.30 23.30
N ASP B 171 11.28 -33.47 23.00
CA ASP B 171 10.19 -33.51 22.03
C ASP B 171 8.82 -33.34 22.68
N ALA B 172 8.78 -32.91 23.95
CA ALA B 172 7.51 -32.72 24.62
C ALA B 172 6.62 -31.72 23.88
N GLN B 173 7.19 -30.60 23.43
CA GLN B 173 6.38 -29.62 22.73
C GLN B 173 5.82 -30.18 21.43
N LEU B 174 6.70 -30.82 20.64
CA LEU B 174 6.26 -31.48 19.41
C LEU B 174 5.08 -32.41 19.65
N LYS B 175 5.16 -33.24 20.70
CA LYS B 175 4.08 -34.19 20.95
C LYS B 175 2.80 -33.45 21.34
N SER B 176 2.90 -32.38 22.12
CA SER B 176 1.72 -31.60 22.45
C SER B 176 1.13 -30.93 21.21
N LEU B 177 2.00 -30.38 20.34
CA LEU B 177 1.51 -29.77 19.10
C LEU B 177 0.80 -30.79 18.22
N ARG B 178 1.33 -32.02 18.14
CA ARG B 178 0.69 -33.04 17.31
C ARG B 178 -0.72 -33.33 17.77
N ARG B 179 -0.99 -33.21 19.07
CA ARG B 179 -2.33 -33.42 19.58
C ARG B 179 -3.24 -32.24 19.32
N SER B 180 -2.68 -31.07 19.03
CA SER B 180 -3.48 -29.88 18.75
C SER B 180 -3.74 -29.66 17.26
N VAL B 181 -3.28 -30.57 16.39
CA VAL B 181 -3.36 -30.32 14.95
C VAL B 181 -4.81 -30.07 14.53
N SER B 182 -5.74 -30.93 14.98
CA SER B 182 -7.13 -30.75 14.59
C SER B 182 -7.67 -29.42 15.09
N GLU B 183 -7.20 -28.94 16.24
CA GLU B 183 -7.65 -27.64 16.73
C GLU B 183 -7.11 -26.51 15.86
N TYR B 184 -5.85 -26.59 15.45
CA TYR B 184 -5.32 -25.57 14.54
C TYR B 184 -6.04 -25.61 13.19
N LYS B 185 -6.30 -26.82 12.66
CA LYS B 185 -6.99 -26.92 11.38
C LYS B 185 -8.40 -26.35 11.46
N THR B 186 -9.05 -26.51 12.62
CA THR B 186 -10.37 -25.92 12.79
C THR B 186 -10.32 -24.39 12.80
N HIS B 187 -9.31 -23.82 13.45
CA HIS B 187 -9.15 -22.36 13.42
C HIS B 187 -8.95 -21.88 11.99
N ILE B 188 -8.17 -22.61 11.20
CA ILE B 188 -7.93 -22.25 9.81
C ILE B 188 -9.22 -22.37 9.00
N ARG B 189 -9.97 -23.46 9.21
CA ARG B 189 -11.22 -23.65 8.47
C ARG B 189 -12.22 -22.55 8.80
N GLN B 190 -12.25 -22.10 10.07
CA GLN B 190 -13.19 -21.06 10.45
C GLN B 190 -12.85 -19.73 9.79
N LEU B 191 -11.56 -19.45 9.60
CA LEU B 191 -11.18 -18.23 8.89
C LEU B 191 -11.63 -18.28 7.44
N HIS B 192 -11.44 -19.43 6.77
CA HIS B 192 -11.88 -19.56 5.39
C HIS B 192 -13.40 -19.50 5.28
N ASP B 193 -14.11 -20.10 6.25
CA ASP B 193 -15.57 -20.00 6.27
C ASP B 193 -16.03 -18.57 6.43
N GLY B 194 -15.35 -17.80 7.27
CA GLY B 194 -15.73 -16.41 7.46
C GLY B 194 -15.52 -15.58 6.20
N HIS B 195 -14.41 -15.78 5.51
CA HIS B 195 -14.18 -15.06 4.26
C HIS B 195 -15.24 -15.41 3.23
N ALA B 196 -15.63 -16.70 3.18
CA ALA B 196 -16.64 -17.13 2.22
C ALA B 196 -18.01 -16.53 2.51
N LYS B 197 -18.21 -16.00 3.72
CA LYS B 197 -19.41 -15.26 4.09
C LYS B 197 -19.19 -13.75 4.08
N GLY B 198 -18.04 -13.29 3.60
CA GLY B 198 -17.78 -11.87 3.51
C GLY B 198 -17.36 -11.18 4.80
N GLN B 199 -16.95 -11.93 5.83
CA GLN B 199 -16.61 -11.33 7.11
C GLN B 199 -15.13 -10.95 7.26
N PHE B 200 -14.24 -11.68 6.61
CA PHE B 200 -12.80 -11.47 6.78
C PHE B 200 -12.17 -11.15 5.43
N MET B 201 -11.06 -10.40 5.46
CA MET B 201 -10.30 -10.09 4.25
C MET B 201 -9.46 -11.28 3.80
N ARG B 202 -9.38 -11.48 2.49
CA ARG B 202 -8.44 -12.44 1.91
C ARG B 202 -7.57 -11.72 0.90
N TYR B 203 -6.25 -11.74 1.13
CA TYR B 203 -5.30 -11.05 0.26
C TYR B 203 -4.58 -12.05 -0.62
N ASN B 204 -4.63 -11.84 -1.93
CA ASN B 204 -3.72 -12.51 -2.84
C ASN B 204 -2.31 -11.96 -2.62
N ARG B 205 -1.31 -12.80 -2.96
CA ARG B 205 0.10 -12.48 -2.76
C ARG B 205 0.45 -11.04 -3.13
N LYS B 206 0.26 -10.66 -4.40
CA LYS B 206 0.77 -9.37 -4.84
C LYS B 206 0.01 -8.20 -4.20
N THR B 207 -1.27 -8.41 -3.90
CA THR B 207 -2.06 -7.37 -3.26
C THR B 207 -1.65 -7.21 -1.80
N GLY B 208 -1.34 -8.32 -1.11
CA GLY B 208 -0.79 -8.24 0.23
C GLY B 208 0.49 -7.43 0.30
N TYR B 209 1.45 -7.75 -0.58
CA TYR B 209 2.69 -6.98 -0.60
C TYR B 209 2.48 -5.54 -1.03
N LYS B 210 1.51 -5.28 -1.91
CA LYS B 210 1.19 -3.89 -2.26
C LYS B 210 0.70 -3.13 -1.03
N LEU B 211 -0.15 -3.76 -0.23
CA LEU B 211 -0.66 -3.10 0.98
C LEU B 211 0.46 -2.68 1.91
N MET B 212 1.53 -3.47 1.98
CA MET B 212 2.64 -3.17 2.88
C MET B 212 3.73 -2.32 2.24
N SER B 213 3.60 -2.02 0.94
CA SER B 213 4.75 -1.52 0.18
C SER B 213 5.21 -0.12 0.60
N SER B 214 4.37 0.69 1.25
CA SER B 214 4.89 1.96 1.73
C SER B 214 5.74 1.78 2.98
N MET B 215 5.62 0.63 3.65
CA MET B 215 6.46 0.33 4.80
C MET B 215 7.75 -0.40 4.40
N ALA B 216 7.63 -1.45 3.60
CA ALA B 216 8.80 -2.19 3.18
C ALA B 216 8.53 -2.84 1.83
N ARG B 217 9.59 -2.96 1.04
CA ARG B 217 9.57 -3.68 -0.23
C ARG B 217 10.44 -4.93 -0.04
N PHE B 218 10.01 -6.07 -0.47
CA PHE B 218 10.69 -7.33 -0.18
C PHE B 218 11.53 -7.79 -1.37
N ASN B 219 12.71 -8.34 -1.06
CA ASN B 219 13.43 -9.23 -1.98
C ASN B 219 12.41 -10.20 -2.56
N PRO B 220 12.31 -10.33 -3.89
CA PRO B 220 11.33 -11.27 -4.46
C PRO B 220 11.45 -12.68 -3.93
N ASP B 221 12.66 -13.09 -3.56
CA ASP B 221 12.86 -14.43 -3.00
C ASP B 221 12.21 -14.58 -1.63
N TYR B 222 11.86 -13.47 -0.99
CA TYR B 222 11.13 -13.47 0.28
C TYR B 222 9.62 -13.30 0.11
N MET B 223 9.13 -13.09 -1.12
CA MET B 223 7.71 -12.86 -1.34
C MET B 223 6.99 -14.20 -1.54
N LEU B 224 6.88 -14.96 -0.46
CA LEU B 224 6.40 -16.33 -0.50
C LEU B 224 5.00 -16.51 0.05
N LEU B 225 4.34 -15.44 0.48
CA LEU B 225 2.97 -15.56 0.98
C LEU B 225 2.00 -15.61 -0.20
N ASP B 226 1.40 -16.77 -0.42
CA ASP B 226 0.55 -17.01 -1.58
C ASP B 226 -0.84 -16.41 -1.38
N TYR B 227 -1.42 -16.56 -0.19
CA TYR B 227 -2.65 -15.89 0.20
C TYR B 227 -2.66 -15.74 1.71
N LEU B 228 -3.50 -14.83 2.20
CA LEU B 228 -3.65 -14.68 3.65
C LEU B 228 -5.07 -14.23 3.96
N VAL B 229 -5.72 -14.93 4.88
CA VAL B 229 -7.06 -14.57 5.36
C VAL B 229 -6.88 -13.94 6.75
N LEU B 230 -7.40 -12.73 6.93
CA LEU B 230 -7.18 -11.96 8.15
C LEU B 230 -8.50 -11.65 8.84
N ASN B 231 -8.60 -12.06 10.10
CA ASN B 231 -9.67 -11.63 11.00
C ASN B 231 -9.11 -10.47 11.83
N GLU B 232 -9.40 -9.25 11.42
CA GLU B 232 -8.74 -8.08 11.98
C GLU B 232 -9.08 -7.87 13.45
N ALA B 233 -10.29 -8.29 13.85
CA ALA B 233 -10.73 -8.06 15.22
C ALA B 233 -9.89 -8.80 16.24
N GLU B 234 -9.19 -9.88 15.83
CA GLU B 234 -8.35 -10.65 16.73
C GLU B 234 -6.91 -10.78 16.25
N ASN B 235 -6.48 -9.95 15.29
CA ASN B 235 -5.13 -10.06 14.71
C ASN B 235 -4.81 -11.51 14.37
N GLU B 236 -5.76 -12.18 13.73
CA GLU B 236 -5.74 -13.62 13.54
C GLU B 236 -5.70 -13.94 12.05
N ALA B 237 -4.72 -14.74 11.64
CA ALA B 237 -4.47 -14.96 10.22
C ALA B 237 -4.19 -16.43 9.93
N ALA B 238 -4.64 -16.87 8.76
CA ALA B 238 -4.27 -18.15 8.18
C ALA B 238 -3.74 -17.84 6.78
N SER B 239 -2.58 -18.41 6.46
CA SER B 239 -1.89 -18.06 5.23
C SER B 239 -1.35 -19.32 4.58
N GLY B 240 -1.35 -19.35 3.24
CA GLY B 240 -0.63 -20.34 2.49
C GLY B 240 0.69 -19.71 2.10
N VAL B 241 1.79 -20.33 2.52
CA VAL B 241 3.13 -19.90 2.14
C VAL B 241 3.67 -20.93 1.18
N ASP B 242 4.15 -20.48 0.04
CA ASP B 242 4.52 -21.40 -1.04
C ASP B 242 5.97 -21.12 -1.38
N PHE B 243 6.86 -21.98 -0.89
CA PHE B 243 8.28 -21.75 -1.11
C PHE B 243 8.70 -21.91 -2.57
N SER B 244 7.85 -22.48 -3.42
CA SER B 244 8.19 -22.55 -4.83
C SER B 244 8.11 -21.20 -5.53
N LEU B 245 7.53 -20.19 -4.87
CA LEU B 245 7.36 -18.88 -5.50
C LEU B 245 8.64 -18.05 -5.51
N GLY B 246 9.70 -18.50 -4.85
CA GLY B 246 10.96 -17.80 -4.87
C GLY B 246 12.10 -18.74 -5.23
N SER B 247 13.28 -18.15 -5.43
CA SER B 247 14.48 -18.91 -5.71
C SER B 247 15.30 -19.04 -4.43
N SER B 248 15.80 -20.24 -4.15
CA SER B 248 16.41 -20.48 -2.84
C SER B 248 17.68 -21.31 -2.96
N GLU B 249 18.56 -20.91 -3.88
CA GLU B 249 19.75 -21.70 -4.13
C GLU B 249 20.77 -21.49 -3.02
N GLY B 250 21.35 -22.58 -2.56
CA GLY B 250 22.38 -22.57 -1.56
C GLY B 250 22.20 -23.72 -0.61
N THR B 251 23.01 -23.71 0.45
CA THR B 251 22.91 -24.69 1.52
C THR B 251 22.67 -23.95 2.83
N PHE B 252 21.77 -24.50 3.64
CA PHE B 252 21.31 -23.83 4.85
C PHE B 252 20.95 -24.89 5.89
N ALA B 253 20.79 -24.46 7.15
CA ALA B 253 20.02 -25.30 8.07
C ALA B 253 18.53 -25.02 7.94
N ALA B 254 18.17 -23.74 7.87
CA ALA B 254 16.79 -23.31 7.65
C ALA B 254 16.86 -22.06 6.77
N HIS B 255 16.44 -22.17 5.54
CA HIS B 255 16.53 -21.07 4.60
C HIS B 255 15.99 -19.75 5.14
N PRO B 256 16.78 -18.71 5.16
CA PRO B 256 16.27 -17.47 5.78
C PRO B 256 15.05 -16.90 5.10
N ALA B 257 14.84 -17.12 3.81
CA ALA B 257 13.61 -16.63 3.18
C ALA B 257 12.40 -17.43 3.65
N HIS B 258 12.57 -18.74 3.83
CA HIS B 258 11.46 -19.58 4.27
C HIS B 258 11.03 -19.22 5.68
N VAL B 259 11.99 -19.05 6.58
CA VAL B 259 11.65 -18.72 7.96
C VAL B 259 11.09 -17.30 8.05
N ASP B 260 11.67 -16.37 7.31
CA ASP B 260 11.12 -15.01 7.34
C ASP B 260 9.69 -14.99 6.82
N ALA B 261 9.38 -15.77 5.78
CA ALA B 261 8.00 -15.80 5.28
C ALA B 261 7.04 -16.24 6.38
N ILE B 262 7.46 -17.19 7.23
CA ILE B 262 6.61 -17.60 8.34
C ILE B 262 6.32 -16.41 9.26
N THR B 263 7.36 -15.65 9.63
CA THR B 263 7.09 -14.51 10.51
C THR B 263 6.32 -13.38 9.83
N GLN B 264 6.39 -13.28 8.49
CA GLN B 264 5.65 -12.22 7.81
C GLN B 264 4.14 -12.36 8.04
N VAL B 265 3.66 -13.58 8.25
CA VAL B 265 2.24 -13.77 8.49
C VAL B 265 1.82 -13.00 9.74
N ALA B 266 2.62 -13.08 10.79
CA ALA B 266 2.31 -12.34 12.02
C ALA B 266 2.49 -10.84 11.82
N GLY B 267 3.53 -10.42 11.09
CA GLY B 267 3.71 -8.99 10.85
C GLY B 267 2.57 -8.41 10.05
N PHE B 268 2.11 -9.15 9.04
CA PHE B 268 0.98 -8.68 8.24
C PHE B 268 -0.29 -8.63 9.07
N ALA B 269 -0.50 -9.62 9.94
CA ALA B 269 -1.71 -9.60 10.74
C ALA B 269 -1.79 -8.35 11.60
N MET B 270 -0.65 -7.83 12.05
CA MET B 270 -0.65 -6.59 12.82
C MET B 270 -0.82 -5.37 11.93
N ASN B 271 0.04 -5.22 10.93
CA ASN B 271 0.12 -3.98 10.16
C ASN B 271 -1.00 -3.81 9.13
N ALA B 272 -1.66 -4.90 8.73
CA ALA B 272 -2.78 -4.80 7.79
C ALA B 272 -4.10 -4.46 8.47
N ASN B 273 -4.12 -4.29 9.80
CA ASN B 273 -5.33 -3.84 10.47
C ASN B 273 -5.73 -2.44 10.00
N ASP B 274 -7.04 -2.24 9.80
CA ASP B 274 -7.54 -0.98 9.28
C ASP B 274 -7.18 0.19 10.18
N ASN B 275 -6.99 -0.06 11.47
CA ASN B 275 -6.71 0.99 12.44
C ASN B 275 -5.23 1.20 12.71
N VAL B 276 -4.35 0.50 12.00
CA VAL B 276 -2.92 0.76 12.04
C VAL B 276 -2.60 1.64 10.84
N ASP B 277 -2.18 2.88 11.10
CA ASP B 277 -1.78 3.80 10.03
C ASP B 277 -0.28 3.63 9.83
N ILE B 278 0.12 2.90 8.79
CA ILE B 278 1.53 2.58 8.66
C ILE B 278 2.35 3.78 8.18
N GLU B 279 1.69 4.90 7.94
CA GLU B 279 2.47 6.11 7.69
C GLU B 279 2.95 6.73 8.99
N LYS B 280 2.38 6.34 10.11
CA LYS B 280 2.73 6.90 11.40
C LYS B 280 3.31 5.89 12.38
N GLN B 281 2.74 4.69 12.42
CA GLN B 281 3.21 3.64 13.33
C GLN B 281 3.22 2.26 12.65
N VAL B 282 4.24 1.47 12.90
CA VAL B 282 4.36 0.15 12.29
C VAL B 282 4.86 -0.84 13.33
N TYR B 283 4.44 -2.10 13.17
CA TYR B 283 4.93 -3.20 13.99
C TYR B 283 6.13 -3.84 13.32
N VAL B 284 7.27 -3.83 14.01
CA VAL B 284 8.52 -4.35 13.47
C VAL B 284 8.94 -5.60 14.25
N ASN B 285 9.81 -6.41 13.62
CA ASN B 285 10.39 -7.57 14.28
C ASN B 285 11.08 -7.15 15.57
N HIS B 286 10.90 -7.95 16.61
CA HIS B 286 11.57 -7.73 17.87
C HIS B 286 12.37 -8.95 18.30
N GLY B 287 11.88 -10.15 18.01
CA GLY B 287 12.51 -11.40 18.40
C GLY B 287 11.43 -12.40 18.75
N TRP B 288 11.81 -13.41 19.53
CA TRP B 288 10.84 -14.44 19.89
C TRP B 288 11.36 -15.23 21.07
N ASP B 289 10.44 -15.89 21.75
CA ASP B 289 10.83 -16.72 22.88
C ASP B 289 11.38 -18.08 22.46
N SER B 290 10.82 -18.68 21.40
CA SER B 290 11.19 -20.05 21.05
C SER B 290 10.85 -20.30 19.59
N PHE B 291 11.71 -21.05 18.89
CA PHE B 291 11.51 -21.44 17.50
C PHE B 291 12.07 -22.84 17.28
N GLN B 292 11.20 -23.77 16.85
CA GLN B 292 11.60 -25.14 16.59
C GLN B 292 11.09 -25.55 15.22
N ILE B 293 11.90 -26.33 14.51
CA ILE B 293 11.56 -26.87 13.20
C ILE B 293 11.59 -28.39 13.28
N TYR B 294 10.51 -29.03 12.87
CA TYR B 294 10.36 -30.47 12.99
C TYR B 294 10.49 -31.21 11.67
N GLN B 295 10.34 -30.51 10.54
CA GLN B 295 10.45 -31.10 9.21
C GLN B 295 11.14 -30.12 8.28
N PRO B 296 11.84 -30.62 7.26
CA PRO B 296 12.50 -29.71 6.32
C PRO B 296 11.54 -28.69 5.72
N LEU B 297 12.07 -27.49 5.49
CA LEU B 297 11.34 -26.42 4.80
C LEU B 297 11.66 -26.51 3.32
N ASP B 298 10.88 -27.31 2.61
CA ASP B 298 11.17 -27.78 1.26
C ASP B 298 10.81 -26.71 0.23
N ASN B 299 11.77 -26.34 -0.63
CA ASN B 299 11.56 -25.20 -1.53
C ASN B 299 10.65 -25.52 -2.71
N SER B 300 10.09 -26.72 -2.78
CA SER B 300 9.09 -27.02 -3.78
C SER B 300 7.67 -27.09 -3.21
N LYS B 301 7.50 -26.90 -1.90
CA LYS B 301 6.24 -27.18 -1.23
C LYS B 301 5.60 -25.91 -0.70
N SER B 302 4.29 -26.00 -0.49
CA SER B 302 3.51 -24.97 0.19
C SER B 302 3.11 -25.50 1.56
N TYR B 303 2.90 -24.56 2.50
CA TYR B 303 2.62 -24.88 3.89
C TYR B 303 1.49 -23.99 4.36
N GLN B 304 0.83 -24.42 5.44
CA GLN B 304 -0.21 -23.61 6.07
C GLN B 304 0.33 -22.99 7.35
N VAL B 305 0.10 -21.69 7.53
CA VAL B 305 0.64 -20.95 8.66
C VAL B 305 -0.53 -20.27 9.37
N TYR B 306 -0.60 -20.41 10.70
CA TYR B 306 -1.71 -19.85 11.46
C TYR B 306 -1.16 -19.10 12.68
N THR B 307 -1.72 -17.92 12.95
CA THR B 307 -1.32 -17.15 14.12
C THR B 307 -2.48 -16.32 14.63
N LYS B 308 -2.53 -16.14 15.96
CA LYS B 308 -3.44 -15.19 16.59
C LYS B 308 -2.58 -14.29 17.47
N MET B 309 -2.29 -13.09 16.99
CA MET B 309 -1.41 -12.19 17.72
C MET B 309 -2.22 -11.42 18.76
N GLY B 310 -1.56 -11.10 19.86
CA GLY B 310 -2.23 -10.41 20.95
C GLY B 310 -2.63 -8.98 20.60
N GLN B 311 -3.51 -8.43 21.46
CA GLN B 311 -3.96 -7.05 21.32
C GLN B 311 -2.88 -6.10 21.82
N ALA B 312 -2.78 -4.95 21.15
CA ALA B 312 -1.88 -3.88 21.57
C ALA B 312 -2.15 -3.47 23.02
N ASN B 315 2.20 -1.36 26.95
CA ASN B 315 3.49 -1.02 26.37
C ASN B 315 3.41 -1.07 24.84
N ASP B 316 4.55 -1.19 24.19
CA ASP B 316 4.63 -1.16 22.76
C ASP B 316 4.87 -2.52 22.12
N LEU B 317 4.68 -3.60 22.88
CA LEU B 317 4.96 -4.95 22.41
C LEU B 317 3.68 -5.76 22.29
N VAL B 318 3.64 -6.65 21.28
CA VAL B 318 2.60 -7.65 21.17
C VAL B 318 3.28 -8.98 20.91
N HIS B 319 2.60 -10.06 21.28
CA HIS B 319 3.24 -11.34 21.04
C HIS B 319 2.17 -12.38 20.73
N GLY B 320 2.63 -13.51 20.18
CA GLY B 320 1.72 -14.58 19.86
C GLY B 320 2.52 -15.76 19.32
N ASP B 321 1.82 -16.87 19.12
CA ASP B 321 2.40 -18.07 18.55
C ASP B 321 2.11 -18.17 17.06
N VAL B 322 3.00 -18.84 16.35
CA VAL B 322 2.84 -19.07 14.91
C VAL B 322 3.12 -20.54 14.65
N VAL B 323 2.14 -21.24 14.10
CA VAL B 323 2.30 -22.65 13.77
C VAL B 323 2.36 -22.82 12.26
N VAL B 324 3.14 -23.80 11.82
CA VAL B 324 3.29 -24.15 10.42
C VAL B 324 2.91 -25.62 10.26
N LEU B 325 1.95 -25.88 9.36
CA LEU B 325 1.48 -27.24 9.07
C LEU B 325 1.83 -27.64 7.64
N ASP B 326 1.93 -28.95 7.42
CA ASP B 326 1.98 -29.53 6.08
C ASP B 326 0.84 -30.54 6.08
N GLY B 327 -0.37 -30.07 5.75
CA GLY B 327 -1.52 -30.93 5.85
C GLY B 327 -1.79 -31.31 7.30
N GLU B 328 -1.57 -32.57 7.66
CA GLU B 328 -1.75 -33.05 9.02
C GLU B 328 -0.48 -33.00 9.87
N GLN B 329 0.68 -32.69 9.28
CA GLN B 329 1.96 -32.76 9.98
C GLN B 329 2.36 -31.40 10.55
N ILE B 330 2.88 -31.40 11.77
CA ILE B 330 3.46 -30.20 12.37
C ILE B 330 4.85 -29.99 11.80
N VAL B 331 5.08 -28.81 11.22
CA VAL B 331 6.34 -28.53 10.54
C VAL B 331 7.23 -27.63 11.39
N ALA B 332 6.67 -26.62 12.04
CA ALA B 332 7.48 -25.67 12.80
C ALA B 332 6.57 -24.87 13.74
N PHE B 333 7.19 -24.22 14.72
CA PHE B 333 6.41 -23.45 15.68
C PHE B 333 7.25 -22.34 16.28
N PHE B 334 6.74 -21.11 16.21
CA PHE B 334 7.23 -19.98 17.00
C PHE B 334 6.37 -19.85 18.24
N ARG B 335 6.99 -19.81 19.41
CA ARG B 335 6.28 -19.49 20.63
C ARG B 335 6.73 -18.12 21.09
N GLY B 336 5.76 -17.24 21.32
CA GLY B 336 6.09 -15.91 21.79
C GLY B 336 6.83 -15.05 20.78
N LEU B 337 6.48 -15.15 19.51
CA LEU B 337 6.95 -14.19 18.53
C LEU B 337 6.51 -12.80 18.95
N THR B 338 7.45 -11.86 18.99
CA THR B 338 7.22 -10.55 19.59
C THR B 338 7.45 -9.48 18.53
N LEU B 339 6.48 -8.58 18.40
CA LEU B 339 6.55 -7.44 17.51
C LEU B 339 6.45 -6.17 18.35
N ARG B 340 7.14 -5.15 17.90
CA ARG B 340 7.15 -3.90 18.58
C ARG B 340 6.63 -2.73 17.74
N SER B 341 5.71 -1.96 18.32
CA SER B 341 5.17 -0.79 17.65
C SER B 341 6.19 0.35 17.72
N VAL B 342 6.61 0.86 16.56
CA VAL B 342 7.55 1.98 16.52
C VAL B 342 7.00 3.09 15.62
N PRO B 343 7.37 4.35 15.85
CA PRO B 343 6.94 5.41 14.92
C PRO B 343 7.61 5.22 13.57
N ARG B 344 6.81 5.34 12.51
CA ARG B 344 7.31 5.09 11.16
C ARG B 344 8.45 6.03 10.80
N GLY B 345 8.34 7.31 11.23
CA GLY B 345 9.36 8.28 10.88
C GLY B 345 10.63 8.12 11.71
N ALA B 346 10.48 7.78 13.00
CA ALA B 346 11.65 7.47 13.82
C ALA B 346 12.40 6.26 13.28
N LEU B 347 11.66 5.27 12.77
CA LEU B 347 12.31 4.16 12.08
C LEU B 347 13.14 4.66 10.91
N ARG B 348 12.58 5.57 10.13
CA ARG B 348 13.26 6.11 8.95
C ARG B 348 14.56 6.80 9.33
N VAL B 349 14.51 7.64 10.36
CA VAL B 349 15.69 8.41 10.78
C VAL B 349 16.79 7.45 11.24
N VAL B 350 16.43 6.47 12.08
CA VAL B 350 17.43 5.53 12.60
C VAL B 350 18.14 4.84 11.46
N LEU B 351 17.37 4.30 10.49
CA LEU B 351 17.98 3.56 9.40
C LEU B 351 18.87 4.45 8.54
N GLN B 352 18.42 5.68 8.33
CA GLN B 352 19.12 6.64 7.49
C GLN B 352 20.45 7.06 8.08
N THR B 353 20.55 7.06 9.39
CA THR B 353 21.82 7.37 10.00
C THR B 353 22.66 6.08 9.99
C10 3B2 C . -4.07 9.01 -7.97
C13 3B2 C . -2.08 10.60 -10.14
C17 3B2 C . -3.79 14.10 -10.31
C20 3B2 C . -1.45 15.45 -12.83
C22 3B2 C . -1.20 14.43 -14.00
C01 3B2 C . -9.03 4.50 -1.90
C02 3B2 C . -8.25 5.15 -2.96
C03 3B2 C . -8.57 5.39 -4.23
C04 3B2 C . -7.54 5.97 -4.91
C05 3B2 C . -7.45 6.38 -6.36
S06 3B2 C . -6.50 5.14 -7.26
C07 3B2 C . -4.81 5.52 -7.09
C08 3B2 C . -4.64 6.88 -7.71
C09 3B2 C . -4.08 7.96 -7.07
C11 3B2 C . -3.56 10.39 -7.66
S12 3B2 C . -1.94 10.65 -8.35
C14 3B2 C . -2.85 11.80 -10.73
O15 3B2 C . -3.23 11.76 -11.84
N16 3B2 C . -3.08 12.94 -9.89
C18 3B2 C . -3.55 14.44 -11.75
N19 3B2 C . -2.52 15.39 -11.85
O21 3B2 C . -0.76 16.38 -12.65
C23 3B2 C . -1.08 14.83 -15.50
N24 3B2 C . 0.28 15.06 -15.67
C25 3B2 C . 1.49 14.75 -16.38
O26 3B2 C . 2.36 15.38 -15.85
C27 3B2 C . 1.99 13.91 -17.57
O28 3B2 C . 1.07 13.56 -18.47
C29 3B2 C . 2.77 12.70 -17.09
C30 3B2 C . 3.81 13.11 -16.07
C31 3B2 C . 1.81 11.75 -16.36
C32 3B2 C . 3.46 11.98 -18.25
O33 3B2 C . 3.88 12.85 -19.28
P34 3B2 C . 4.69 12.21 -20.47
O35 3B2 C . 5.82 13.13 -20.73
O36 3B2 C . 3.86 11.96 -21.67
O37 3B2 C . 5.30 10.97 -19.96
N38 3B2 C . -4.61 8.58 -9.08
O39 3B2 C . -4.96 7.26 -8.93
N40 3B2 C . -6.61 6.12 -4.02
O41 3B2 C . -7.02 5.61 -2.85
C10 3B2 D . 8.08 -6.08 7.81
C13 3B2 D . 10.43 -4.34 9.66
C17 3B2 D . 13.53 -6.82 9.77
C20 3B2 D . 15.77 -4.81 11.86
C22 3B2 D . 14.99 -4.23 13.06
C01 3B2 D . 1.32 -10.78 2.14
C02 3B2 D . 2.33 -9.86 2.75
C03 3B2 D . 3.13 -10.06 3.88
C04 3B2 D . 3.91 -8.92 4.04
C05 3B2 D . 4.95 -8.61 5.08
S06 3B2 D . 4.39 -8.53 6.78
C07 3B2 D . 4.37 -6.87 7.49
C08 3B2 D . 5.84 -6.52 7.89
C09 3B2 D . 6.93 -6.38 7.04
C11 3B2 D . 9.50 -5.86 7.28
S12 3B2 D . 10.38 -4.39 7.85
C14 3B2 D . 11.50 -5.29 10.23
O15 3B2 D . 11.47 -5.54 11.41
N16 3B2 D . 12.50 -5.88 9.36
C18 3B2 D . 14.12 -6.62 11.18
N19 3B2 D . 15.35 -5.91 11.01
O21 3B2 D . 16.85 -4.32 11.58
C23 3B2 D . 16.00 -3.79 14.15
N24 3B2 D . 15.42 -2.96 15.18
C25 3B2 D . 16.03 -1.66 15.44
O26 3B2 D . 17.00 -1.31 14.79
C27 3B2 D . 15.49 -0.73 16.54
O28 3B2 D . 14.92 -1.47 17.54
C29 3B2 D . 14.46 0.30 15.99
C30 3B2 D . 15.15 1.28 15.05
C31 3B2 D . 13.32 -0.41 15.22
C32 3B2 D . 13.88 1.03 17.21
O33 3B2 D . 14.71 2.13 17.56
P34 3B2 D . 15.08 2.38 19.10
O35 3B2 D . 15.40 1.07 19.79
O36 3B2 D . 13.90 3.04 19.81
O37 3B2 D . 16.27 3.30 19.17
N38 3B2 D . 7.68 -6.05 9.09
O39 3B2 D . 6.31 -6.32 9.15
N40 3B2 D . 3.61 -8.08 3.04
O41 3B2 D . 2.65 -8.66 2.25
#